data_1P7C
#
_entry.id   1P7C
#
_cell.length_a   113.219
_cell.length_b   117.847
_cell.length_c   108.400
_cell.angle_alpha   90.00
_cell.angle_beta   90.00
_cell.angle_gamma   90.00
#
_symmetry.space_group_name_H-M   'C 2 2 21'
#
loop_
_entity.id
_entity.type
_entity.pdbx_description
1 polymer 'Thymidine kinase'
2 non-polymer "P1-(5'-ADENOSYL)P5-(5'-THYMIDYL)PENTAPHOSPHATE"
3 non-polymer 'SULFATE ION'
4 non-polymer THYMIDINE
5 water water
#
_entity_poly.entity_id   1
_entity_poly.type   'polypeptide(L)'
_entity_poly.pdbx_seq_one_letter_code
;QQEATEVRPEQKMPTLLRVYIDGPHGMGKTTTTQLLVALGSRDDIVYVPEPMTYWRVLGASETIANIYTTQHRLDQGEIS
AGDAAVVMTSAQITMGMPYAVTDAVLAPHIGGEAGSSHAPPPALTLIFDRHPIAALLCYPAARYLMGSMTPQAVLAFVAL
IPPTLPGTNIVLGALPEDRHIDRLAKRQRPGERLDLAMLAAIRRVYGLLANTVRYLQCGGSWREDWGQLSGTAVPPQGAE
PQSNAGPRPHIGDTLFTLFRAPELLAPNGDLYNVFAWALDVLAKRLRSMHVFILDYDQSPAGCRDALLQLTSGMVQTHVT
TPGSIPTICDLARTFAREMGEAN
;
_entity_poly.pdbx_strand_id   A,B
#
loop_
_chem_comp.id
_chem_comp.type
_chem_comp.name
_chem_comp.formula
SO4 non-polymer 'SULFATE ION' 'O4 S -2'
T5A non-polymer P1-(5'-ADENOSYL)P5-(5'-THYMIDYL)PENTAPHOSPHATE 'C20 H30 N7 O23 P5'
THM DNA OH 5 prime terminus THYMIDINE 'C10 H14 N2 O5'
#
# COMPACT_ATOMS: atom_id res chain seq x y z
N LYS A 12 8.43 -32.35 -9.55
CA LYS A 12 7.44 -31.26 -9.27
C LYS A 12 7.58 -30.72 -7.85
N MET A 13 7.29 -29.42 -7.69
CA MET A 13 7.40 -28.74 -6.40
C MET A 13 6.22 -29.14 -5.50
N PRO A 14 6.44 -29.24 -4.20
CA PRO A 14 5.35 -29.66 -3.30
C PRO A 14 4.17 -28.66 -3.32
N THR A 15 2.99 -29.12 -2.93
CA THR A 15 1.80 -28.27 -2.98
C THR A 15 1.51 -27.56 -1.66
N LEU A 16 0.84 -26.42 -1.76
CA LEU A 16 0.50 -25.59 -0.59
C LEU A 16 -0.99 -25.27 -0.62
N LEU A 17 -1.63 -25.34 0.54
CA LEU A 17 -2.99 -24.83 0.73
C LEU A 17 -3.01 -23.65 1.74
N ARG A 18 -3.37 -22.47 1.26
CA ARG A 18 -3.55 -21.31 2.13
C ARG A 18 -5.02 -21.04 2.37
N VAL A 19 -5.36 -20.87 3.65
CA VAL A 19 -6.73 -20.63 4.09
C VAL A 19 -6.78 -19.40 4.98
N TYR A 20 -7.51 -18.37 4.55
CA TYR A 20 -7.66 -17.15 5.35
C TYR A 20 -9.02 -17.13 6.06
N ILE A 21 -9.02 -17.22 7.39
CA ILE A 21 -10.26 -17.16 8.16
C ILE A 21 -10.54 -15.70 8.42
N ASP A 22 -11.60 -15.18 7.82
CA ASP A 22 -11.87 -13.76 7.88
C ASP A 22 -13.35 -13.50 8.21
N GLY A 23 -13.90 -12.35 7.82
CA GLY A 23 -15.24 -12.00 8.23
C GLY A 23 -15.28 -11.10 9.45
N PRO A 24 -16.49 -10.72 9.86
CA PRO A 24 -16.68 -9.84 11.01
C PRO A 24 -16.13 -10.47 12.28
N HIS A 25 -15.58 -9.62 13.15
CA HIS A 25 -15.18 -10.04 14.50
C HIS A 25 -16.37 -10.47 15.32
N GLY A 26 -16.13 -11.41 16.24
CA GLY A 26 -17.14 -11.79 17.22
C GLY A 26 -17.98 -12.98 16.83
N MET A 27 -17.55 -13.73 15.81
CA MET A 27 -18.30 -14.89 15.35
C MET A 27 -17.81 -16.24 15.87
N GLY A 28 -16.59 -16.30 16.42
CA GLY A 28 -16.02 -17.57 16.88
C GLY A 28 -14.81 -18.04 16.07
N LYS A 29 -14.21 -17.11 15.33
CA LYS A 29 -13.04 -17.32 14.45
C LYS A 29 -11.91 -18.09 15.11
N THR A 30 -11.39 -17.54 16.21
CA THR A 30 -10.20 -18.06 16.88
C THR A 30 -10.48 -19.43 17.51
N THR A 31 -11.58 -19.55 18.24
CA THR A 31 -11.96 -20.82 18.83
C THR A 31 -11.97 -21.90 17.78
N THR A 32 -12.67 -21.63 16.68
CA THR A 32 -12.86 -22.61 15.62
C THR A 32 -11.52 -23.07 15.08
N THR A 33 -10.66 -22.11 14.76
CA THR A 33 -9.36 -22.37 14.16
C THR A 33 -8.46 -23.16 15.10
N GLN A 34 -8.42 -22.74 16.36
CA GLN A 34 -7.63 -23.42 17.40
C GLN A 34 -8.04 -24.88 17.49
N LEU A 35 -9.34 -25.13 17.37
CA LEU A 35 -9.90 -26.47 17.45
C LEU A 35 -9.48 -27.36 16.28
N LEU A 36 -9.58 -26.81 15.06
CA LEU A 36 -9.22 -27.53 13.84
C LEU A 36 -7.73 -27.91 13.81
N VAL A 37 -6.89 -27.01 14.29
CA VAL A 37 -5.44 -27.19 14.26
C VAL A 37 -5.00 -28.26 15.28
N ALA A 38 -5.76 -28.37 16.36
CA ALA A 38 -5.50 -29.35 17.41
C ALA A 38 -5.82 -30.77 16.93
N LEU A 39 -5.00 -31.27 16.00
CA LEU A 39 -5.21 -32.58 15.37
C LEU A 39 -3.90 -33.15 14.82
N ASP A 44 1.78 -31.03 9.17
CA ASP A 44 1.30 -30.64 7.85
C ASP A 44 0.19 -29.56 7.89
N ILE A 45 -0.19 -29.15 9.10
CA ILE A 45 -1.14 -28.05 9.28
C ILE A 45 -0.58 -27.04 10.29
N VAL A 46 -0.56 -25.78 9.89
CA VAL A 46 0.04 -24.70 10.70
C VAL A 46 -0.86 -23.45 10.73
N TYR A 47 -0.97 -22.86 11.91
CA TYR A 47 -1.81 -21.69 12.16
C TYR A 47 -0.96 -20.44 12.35
N VAL A 48 -1.18 -19.45 11.47
CA VAL A 48 -0.55 -18.13 11.55
C VAL A 48 -1.57 -17.17 12.20
N PRO A 49 -1.50 -17.00 13.52
CA PRO A 49 -2.59 -16.36 14.28
C PRO A 49 -2.51 -14.83 14.36
N GLU A 50 -3.51 -14.23 15.03
CA GLU A 50 -3.63 -12.79 15.19
C GLU A 50 -2.44 -12.17 15.94
N PRO A 51 -1.90 -11.08 15.42
CA PRO A 51 -0.83 -10.31 16.07
C PRO A 51 -1.24 -9.73 17.43
N ARG A 56 0.91 -4.75 21.96
CA ARG A 56 -0.09 -5.09 20.96
C ARG A 56 0.57 -5.33 19.60
N VAL A 57 0.60 -6.60 19.18
CA VAL A 57 1.35 -7.06 18.01
C VAL A 57 2.86 -6.89 18.17
N LEU A 58 3.28 -5.65 18.45
CA LEU A 58 4.68 -5.32 18.70
C LEU A 58 4.82 -3.98 19.45
N GLY A 59 3.94 -3.76 20.42
CA GLY A 59 4.03 -2.62 21.32
C GLY A 59 3.27 -1.36 20.95
N ALA A 60 2.31 -1.47 20.03
CA ALA A 60 1.43 -0.36 19.63
C ALA A 60 0.45 0.02 20.74
N SER A 61 0.19 1.31 20.89
CA SER A 61 -0.50 1.88 22.07
C SER A 61 -1.99 1.52 22.22
N GLU A 62 -2.28 0.22 22.18
CA GLU A 62 -3.61 -0.31 21.84
C GLU A 62 -4.36 0.54 20.82
N THR A 63 -4.19 0.17 19.57
CA THR A 63 -4.89 0.77 18.46
C THR A 63 -6.41 0.52 18.58
N ILE A 64 -6.76 -0.68 19.04
CA ILE A 64 -8.16 -1.08 19.15
C ILE A 64 -8.93 -0.17 20.11
N ALA A 65 -8.30 0.19 21.22
CA ALA A 65 -8.87 1.13 22.18
C ALA A 65 -9.17 2.49 21.53
N ASN A 66 -8.19 3.05 20.84
CA ASN A 66 -8.38 4.34 20.16
C ASN A 66 -9.46 4.32 19.08
N ILE A 67 -9.61 3.17 18.39
CA ILE A 67 -10.60 3.03 17.34
C ILE A 67 -11.99 3.16 17.95
N TYR A 68 -12.26 2.36 18.97
CA TYR A 68 -13.58 2.35 19.59
C TYR A 68 -13.88 3.65 20.34
N THR A 69 -12.85 4.26 20.94
CA THR A 69 -13.03 5.54 21.66
C THR A 69 -13.31 6.68 20.68
N THR A 70 -12.55 6.74 19.60
CA THR A 70 -12.77 7.73 18.55
C THR A 70 -14.20 7.70 17.99
N GLN A 71 -14.70 6.52 17.65
CA GLN A 71 -16.05 6.43 17.11
C GLN A 71 -17.09 6.90 18.12
N HIS A 72 -16.89 6.54 19.39
CA HIS A 72 -17.74 6.99 20.49
C HIS A 72 -17.73 8.52 20.62
N ARG A 73 -16.53 9.11 20.63
CA ARG A 73 -16.38 10.57 20.72
C ARG A 73 -17.09 11.23 19.54
N LEU A 74 -16.96 10.63 18.35
CA LEU A 74 -17.67 11.12 17.16
C LEU A 74 -19.19 11.05 17.31
N ASP A 75 -19.70 9.89 17.72
CA ASP A 75 -21.15 9.68 17.83
C ASP A 75 -21.81 10.67 18.82
N GLN A 76 -21.03 11.14 19.78
CA GLN A 76 -21.50 12.08 20.80
C GLN A 76 -21.32 13.56 20.40
N GLY A 77 -20.67 13.79 19.26
CA GLY A 77 -20.36 15.14 18.82
C GLY A 77 -19.26 15.78 19.64
N GLU A 78 -18.34 14.97 20.17
CA GLU A 78 -17.23 15.50 20.95
C GLU A 78 -16.06 15.90 20.06
N ILE A 79 -15.97 15.26 18.88
CA ILE A 79 -14.95 15.56 17.88
C ILE A 79 -15.66 15.62 16.52
N SER A 80 -14.97 16.16 15.52
CA SER A 80 -15.53 16.30 14.19
C SER A 80 -15.29 15.06 13.32
N ALA A 81 -16.03 14.98 12.19
CA ALA A 81 -15.83 13.96 11.17
C ALA A 81 -14.36 13.87 10.73
N GLY A 82 -13.77 15.03 10.43
CA GLY A 82 -12.38 15.12 10.03
C GLY A 82 -11.40 14.58 11.06
N ASP A 83 -11.63 14.88 12.33
CA ASP A 83 -10.78 14.41 13.42
C ASP A 83 -10.86 12.89 13.60
N ALA A 84 -12.07 12.36 13.51
CA ALA A 84 -12.28 10.90 13.55
C ALA A 84 -11.55 10.24 12.41
N ALA A 85 -11.65 10.84 11.22
CA ALA A 85 -11.06 10.29 9.99
C ALA A 85 -9.54 10.10 10.05
N VAL A 86 -8.80 11.05 10.62
CA VAL A 86 -7.35 10.91 10.71
C VAL A 86 -6.94 9.79 11.67
N VAL A 87 -7.70 9.62 12.75
CA VAL A 87 -7.44 8.54 13.71
C VAL A 87 -7.72 7.18 13.08
N MET A 88 -8.89 7.02 12.43
CA MET A 88 -9.26 5.74 11.81
C MET A 88 -8.30 5.34 10.69
N THR A 89 -7.86 6.30 9.88
CA THR A 89 -6.93 6.02 8.78
C THR A 89 -5.56 5.57 9.33
N SER A 90 -4.98 6.37 10.24
CA SER A 90 -3.71 5.96 10.86
C SER A 90 -3.81 4.63 11.57
N ALA A 91 -4.91 4.41 12.28
CA ALA A 91 -5.16 3.18 13.00
C ALA A 91 -5.20 1.97 12.06
N GLN A 92 -5.88 2.11 10.93
CA GLN A 92 -6.03 1.01 9.98
C GLN A 92 -4.69 0.60 9.36
N ILE A 93 -3.79 1.56 9.18
CA ILE A 93 -2.43 1.30 8.67
C ILE A 93 -1.69 0.36 9.63
N THR A 94 -1.79 0.68 10.92
CA THR A 94 -1.22 -0.09 12.03
C THR A 94 -1.83 -1.48 12.13
N MET A 95 -3.15 -1.56 12.07
CA MET A 95 -3.87 -2.84 12.08
C MET A 95 -3.51 -3.76 10.92
N GLY A 96 -3.29 -3.18 9.74
CA GLY A 96 -3.00 -3.93 8.54
C GLY A 96 -1.61 -4.53 8.47
N MET A 97 -0.62 -3.87 9.09
CA MET A 97 0.80 -4.24 8.92
C MET A 97 1.15 -5.73 9.03
N PRO A 98 0.73 -6.42 10.09
CA PRO A 98 1.05 -7.84 10.24
C PRO A 98 0.64 -8.70 9.05
N TYR A 99 -0.59 -8.52 8.55
CA TYR A 99 -1.11 -9.21 7.38
C TYR A 99 -0.36 -8.84 6.10
N ALA A 100 -0.09 -7.54 5.95
CA ALA A 100 0.58 -7.05 4.76
C ALA A 100 2.02 -7.58 4.70
N VAL A 101 2.74 -7.46 5.81
CA VAL A 101 4.10 -8.01 5.85
C VAL A 101 4.17 -9.53 5.64
N THR A 102 3.19 -10.24 6.20
CA THR A 102 3.07 -11.70 6.03
C THR A 102 2.89 -12.05 4.58
N ASP A 103 1.95 -11.38 3.93
CA ASP A 103 1.69 -11.58 2.51
C ASP A 103 2.91 -11.28 1.64
N ALA A 104 3.57 -10.16 1.91
CA ALA A 104 4.71 -9.76 1.10
C ALA A 104 5.87 -10.77 1.15
N VAL A 105 6.17 -11.33 2.31
CA VAL A 105 7.26 -12.30 2.40
C VAL A 105 6.89 -13.71 1.89
N LEU A 106 5.62 -14.07 1.99
CA LEU A 106 5.17 -15.37 1.45
C LEU A 106 5.07 -15.37 -0.08
N ALA A 107 4.64 -14.24 -0.67
CA ALA A 107 4.34 -14.14 -2.11
C ALA A 107 5.37 -14.78 -3.06
N PRO A 108 6.66 -14.47 -2.94
CA PRO A 108 7.69 -15.07 -3.81
C PRO A 108 7.70 -16.60 -3.81
N HIS A 109 7.22 -17.21 -2.73
CA HIS A 109 7.12 -18.67 -2.63
C HIS A 109 5.88 -19.27 -3.27
N ILE A 110 4.92 -18.46 -3.69
CA ILE A 110 3.66 -18.97 -4.22
C ILE A 110 3.78 -19.14 -5.73
N GLY A 111 3.48 -20.34 -6.22
CA GLY A 111 3.48 -20.59 -7.65
C GLY A 111 2.07 -20.68 -8.17
N GLY A 112 1.92 -21.31 -9.34
CA GLY A 112 0.64 -21.44 -9.98
C GLY A 112 -0.24 -22.49 -9.35
N GLU A 113 -1.52 -22.43 -9.68
CA GLU A 113 -2.53 -23.37 -9.23
C GLU A 113 -2.16 -24.79 -9.57
N ALA A 114 -2.28 -25.67 -8.59
CA ALA A 114 -2.09 -27.10 -8.81
C ALA A 114 -3.47 -27.71 -9.07
N GLY A 115 -4.13 -28.14 -7.99
CA GLY A 115 -5.50 -28.68 -8.05
C GLY A 115 -6.26 -28.49 -6.75
N PRO A 120 -2.56 -36.01 -4.66
CA PRO A 120 -1.80 -35.99 -3.41
C PRO A 120 -2.27 -34.85 -2.50
N PRO A 121 -2.22 -35.07 -1.17
CA PRO A 121 -2.61 -34.02 -0.23
C PRO A 121 -1.56 -32.91 -0.23
N PRO A 122 -1.91 -31.68 0.15
CA PRO A 122 -0.92 -30.60 0.22
C PRO A 122 0.16 -30.98 1.21
N ALA A 123 1.41 -30.69 0.87
CA ALA A 123 2.52 -30.93 1.78
C ALA A 123 2.38 -30.07 3.04
N LEU A 124 1.70 -28.94 2.87
CA LEU A 124 1.52 -27.96 3.94
C LEU A 124 0.22 -27.17 3.78
N THR A 125 -0.53 -27.06 4.88
CA THR A 125 -1.70 -26.22 4.96
C THR A 125 -1.41 -25.06 5.92
N LEU A 126 -1.52 -23.83 5.41
CA LEU A 126 -1.39 -22.64 6.23
C LEU A 126 -2.76 -22.05 6.48
N ILE A 127 -3.14 -21.98 7.75
CA ILE A 127 -4.35 -21.32 8.13
C ILE A 127 -4.01 -19.96 8.72
N PHE A 128 -4.55 -18.92 8.09
CA PHE A 128 -4.31 -17.54 8.49
C PHE A 128 -5.47 -16.97 9.26
N ASP A 129 -5.12 -16.18 10.25
CA ASP A 129 -6.08 -15.39 10.95
C ASP A 129 -6.16 -14.07 10.18
N ARG A 130 -7.14 -14.02 9.29
CA ARG A 130 -7.43 -12.85 8.42
C ARG A 130 -6.60 -12.70 7.15
N HIS A 131 -7.18 -11.98 6.19
CA HIS A 131 -6.51 -11.62 4.96
C HIS A 131 -6.28 -10.11 4.99
N PRO A 132 -5.23 -9.62 4.32
CA PRO A 132 -5.04 -8.17 4.17
C PRO A 132 -6.28 -7.35 3.74
N ILE A 133 -7.25 -7.92 3.03
CA ILE A 133 -8.41 -7.11 2.67
C ILE A 133 -9.22 -6.69 3.89
N ALA A 134 -9.10 -7.38 5.01
CA ALA A 134 -9.86 -6.99 6.19
C ALA A 134 -9.48 -5.56 6.63
N ALA A 135 -8.19 -5.30 6.70
CA ALA A 135 -7.71 -4.01 7.17
C ALA A 135 -7.54 -2.98 6.06
N LEU A 136 -7.44 -3.48 4.83
CA LEU A 136 -7.21 -2.61 3.67
C LEU A 136 -8.45 -2.34 2.85
N LEU A 137 -9.57 -2.94 3.24
CA LEU A 137 -10.83 -2.77 2.51
C LEU A 137 -12.04 -2.78 3.44
N CYS A 138 -12.21 -3.88 4.17
CA CYS A 138 -13.47 -4.18 4.85
C CYS A 138 -13.75 -3.30 6.06
N TYR A 139 -12.82 -3.27 7.01
CA TYR A 139 -12.90 -2.33 8.14
C TYR A 139 -12.87 -0.85 7.74
N PRO A 140 -11.97 -0.42 6.84
CA PRO A 140 -12.09 0.96 6.32
C PRO A 140 -13.45 1.26 5.72
N ALA A 141 -14.00 0.33 4.93
CA ALA A 141 -15.32 0.58 4.32
C ALA A 141 -16.41 0.65 5.40
N ALA A 142 -16.26 -0.11 6.48
CA ALA A 142 -17.29 -0.09 7.52
C ALA A 142 -17.22 1.23 8.29
N ARG A 143 -16.01 1.72 8.53
CA ARG A 143 -15.84 3.03 9.16
C ARG A 143 -16.38 4.15 8.27
N TYR A 144 -16.20 4.02 6.95
CA TYR A 144 -16.82 4.97 6.02
C TYR A 144 -18.32 5.04 6.25
N LEU A 145 -18.98 3.87 6.28
CA LEU A 145 -20.43 3.79 6.59
C LEU A 145 -20.83 4.37 7.95
N MET A 146 -19.85 4.43 8.86
CA MET A 146 -20.03 4.93 10.22
C MET A 146 -19.66 6.42 10.29
N GLY A 147 -19.33 7.00 9.15
CA GLY A 147 -19.00 8.42 9.08
C GLY A 147 -17.62 8.80 9.64
N SER A 148 -16.77 7.80 9.87
CA SER A 148 -15.47 8.09 10.49
C SER A 148 -14.27 7.84 9.58
N MET A 149 -14.51 7.66 8.28
CA MET A 149 -13.46 7.62 7.29
C MET A 149 -13.99 8.22 5.99
N THR A 150 -13.13 8.94 5.26
CA THR A 150 -13.48 9.40 3.93
C THR A 150 -13.42 8.23 2.95
N PRO A 151 -14.23 8.28 1.89
CA PRO A 151 -14.15 7.26 0.84
C PRO A 151 -12.84 7.34 0.05
N GLN A 152 -12.26 8.53 -0.03
CA GLN A 152 -10.95 8.70 -0.68
C GLN A 152 -9.84 7.90 0.03
N ALA A 153 -9.90 7.87 1.36
CA ALA A 153 -8.93 7.08 2.14
C ALA A 153 -9.12 5.58 1.94
N VAL A 154 -10.39 5.15 1.97
CA VAL A 154 -10.77 3.76 1.68
C VAL A 154 -10.21 3.35 0.30
N LEU A 155 -10.39 4.18 -0.71
CA LEU A 155 -9.83 3.86 -2.02
C LEU A 155 -8.30 3.93 -2.10
N ALA A 156 -7.66 4.74 -1.25
CA ALA A 156 -6.20 4.67 -1.10
C ALA A 156 -5.74 3.31 -0.55
N PHE A 157 -6.49 2.76 0.41
CA PHE A 157 -6.16 1.44 0.95
C PHE A 157 -6.41 0.38 -0.12
N VAL A 158 -7.50 0.55 -0.86
CA VAL A 158 -7.76 -0.35 -1.98
C VAL A 158 -6.59 -0.36 -2.96
N ALA A 159 -6.08 0.83 -3.28
CA ALA A 159 -4.96 0.95 -4.22
C ALA A 159 -3.72 0.24 -3.69
N LEU A 160 -3.67 0.00 -2.38
CA LEU A 160 -2.51 -0.68 -1.75
C LEU A 160 -2.69 -2.17 -1.48
N ILE A 161 -3.85 -2.72 -1.82
CA ILE A 161 -4.08 -4.15 -1.63
C ILE A 161 -3.09 -4.90 -2.52
N PRO A 162 -2.32 -5.83 -1.94
CA PRO A 162 -1.33 -6.58 -2.72
C PRO A 162 -2.02 -7.41 -3.81
N PRO A 163 -1.35 -7.65 -4.94
CA PRO A 163 -1.94 -8.48 -6.00
C PRO A 163 -2.41 -9.82 -5.42
N THR A 164 -3.59 -10.26 -5.84
CA THR A 164 -4.15 -11.49 -5.34
C THR A 164 -3.50 -12.70 -6.00
N LEU A 165 -2.80 -13.48 -5.20
CA LEU A 165 -2.04 -14.64 -5.62
C LEU A 165 -2.98 -15.79 -6.00
N PRO A 166 -2.46 -16.80 -6.69
CA PRO A 166 -3.21 -18.04 -6.92
C PRO A 166 -3.55 -18.73 -5.60
N GLY A 167 -4.65 -19.47 -5.54
CA GLY A 167 -5.02 -20.20 -4.32
C GLY A 167 -5.33 -19.32 -3.11
N THR A 168 -5.91 -18.14 -3.33
CA THR A 168 -6.34 -17.33 -2.20
C THR A 168 -7.77 -17.76 -1.79
N ASN A 169 -7.84 -18.59 -0.76
CA ASN A 169 -9.11 -19.11 -0.25
C ASN A 169 -9.45 -18.34 1.00
N ILE A 170 -10.61 -17.67 0.98
CA ILE A 170 -11.04 -16.88 2.12
C ILE A 170 -12.36 -17.45 2.63
N VAL A 171 -12.42 -17.68 3.94
CA VAL A 171 -13.57 -18.24 4.63
C VAL A 171 -14.30 -17.09 5.32
N LEU A 172 -15.56 -16.88 4.97
CA LEU A 172 -16.38 -15.82 5.57
C LEU A 172 -17.49 -16.46 6.40
N GLY A 173 -17.93 -15.77 7.45
CA GLY A 173 -18.89 -16.36 8.38
C GLY A 173 -20.34 -16.05 8.09
N ALA A 174 -21.22 -17.00 8.39
CA ALA A 174 -22.66 -16.76 8.41
C ALA A 174 -23.16 -16.99 9.83
N LEU A 175 -23.84 -15.99 10.38
CA LEU A 175 -24.35 -16.01 11.75
C LEU A 175 -25.50 -15.02 11.84
N PRO A 176 -26.67 -15.45 12.31
CA PRO A 176 -27.79 -14.53 12.51
C PRO A 176 -27.36 -13.44 13.47
N GLU A 177 -27.78 -12.21 13.19
CA GLU A 177 -27.31 -11.04 13.93
C GLU A 177 -27.48 -11.15 15.45
N ASP A 178 -28.63 -11.68 15.89
CA ASP A 178 -28.91 -11.75 17.33
C ASP A 178 -27.94 -12.66 18.05
N ARG A 179 -27.68 -13.83 17.47
CA ARG A 179 -26.66 -14.74 18.00
C ARG A 179 -25.26 -14.14 17.92
N HIS A 180 -25.02 -13.31 16.90
CA HIS A 180 -23.74 -12.65 16.73
C HIS A 180 -23.53 -11.67 17.88
N ILE A 181 -24.57 -10.87 18.15
CA ILE A 181 -24.56 -9.97 19.31
C ILE A 181 -24.23 -10.74 20.60
N ASP A 182 -24.92 -11.87 20.85
CA ASP A 182 -24.66 -12.68 22.06
C ASP A 182 -23.19 -13.05 22.14
N ARG A 183 -22.64 -13.51 21.01
CA ARG A 183 -21.25 -13.92 20.93
C ARG A 183 -20.26 -12.80 21.25
N LEU A 184 -20.53 -11.60 20.74
CA LEU A 184 -19.73 -10.43 21.05
C LEU A 184 -19.78 -10.06 22.52
N ALA A 185 -20.96 -10.22 23.11
CA ALA A 185 -21.16 -9.90 24.52
C ALA A 185 -20.58 -10.98 25.46
N LYS A 186 -20.43 -12.19 24.97
CA LYS A 186 -20.01 -13.34 25.79
C LYS A 186 -18.63 -13.20 26.43
N ARG A 187 -17.71 -12.51 25.76
CA ARG A 187 -16.36 -12.36 26.30
C ARG A 187 -15.83 -10.93 26.34
N GLN A 188 -15.06 -10.65 27.40
CA GLN A 188 -14.40 -9.36 27.56
C GLN A 188 -13.53 -9.05 26.34
N ARG A 189 -13.55 -7.78 25.95
CA ARG A 189 -12.71 -7.32 24.86
C ARG A 189 -12.15 -5.96 25.28
N PRO A 190 -10.97 -5.98 25.90
CA PRO A 190 -10.32 -4.75 26.41
C PRO A 190 -10.20 -3.68 25.32
N GLY A 191 -10.66 -2.46 25.61
CA GLY A 191 -10.67 -1.38 24.65
C GLY A 191 -11.88 -1.33 23.72
N GLU A 192 -12.56 -2.46 23.55
CA GLU A 192 -13.72 -2.51 22.66
C GLU A 192 -14.97 -1.95 23.34
N ARG A 193 -15.83 -1.36 22.54
CA ARG A 193 -17.18 -1.03 22.96
C ARG A 193 -18.13 -1.82 22.06
N LEU A 194 -19.13 -2.44 22.66
CA LEU A 194 -20.22 -3.05 21.89
C LEU A 194 -20.95 -1.94 21.14
N ASP A 195 -20.82 -1.95 19.83
CA ASP A 195 -21.40 -0.92 19.00
C ASP A 195 -22.22 -1.66 17.97
N LEU A 196 -23.55 -1.60 18.10
CA LEU A 196 -24.44 -2.33 17.19
C LEU A 196 -24.51 -1.74 15.80
N ALA A 197 -24.29 -0.43 15.67
CA ALA A 197 -24.24 0.22 14.36
C ALA A 197 -22.97 -0.22 13.61
N MET A 198 -21.83 -0.23 14.30
CA MET A 198 -20.61 -0.77 13.70
C MET A 198 -20.80 -2.25 13.35
N LEU A 199 -21.45 -3.01 14.22
CA LEU A 199 -21.65 -4.44 13.96
C LEU A 199 -22.47 -4.67 12.67
N ALA A 200 -23.54 -3.90 12.49
CA ALA A 200 -24.35 -3.95 11.29
C ALA A 200 -23.54 -3.50 10.08
N ALA A 201 -22.69 -2.49 10.25
CA ALA A 201 -21.85 -1.99 9.16
C ALA A 201 -20.83 -3.03 8.66
N ILE A 202 -20.07 -3.62 9.58
CA ILE A 202 -19.09 -4.63 9.20
C ILE A 202 -19.77 -5.89 8.62
N ARG A 203 -20.92 -6.27 9.18
CA ARG A 203 -21.71 -7.36 8.62
C ARG A 203 -22.16 -7.04 7.18
N ARG A 204 -22.67 -5.82 6.97
CA ARG A 204 -23.09 -5.39 5.62
C ARG A 204 -21.92 -5.44 4.63
N VAL A 205 -20.78 -4.89 5.05
CA VAL A 205 -19.58 -4.85 4.22
C VAL A 205 -19.17 -6.27 3.79
N TYR A 206 -19.11 -7.20 4.75
CA TYR A 206 -18.70 -8.56 4.41
C TYR A 206 -19.74 -9.26 3.53
N GLY A 207 -21.03 -9.00 3.79
CA GLY A 207 -22.10 -9.42 2.89
C GLY A 207 -21.90 -8.90 1.46
N LEU A 208 -21.54 -7.63 1.33
CA LEU A 208 -21.29 -7.02 0.01
C LEU A 208 -20.00 -7.57 -0.63
N LEU A 209 -19.00 -7.88 0.18
CA LEU A 209 -17.78 -8.52 -0.31
C LEU A 209 -18.09 -9.85 -1.00
N ALA A 210 -18.85 -10.72 -0.35
CA ALA A 210 -19.23 -11.99 -0.97
C ALA A 210 -20.01 -11.80 -2.27
N ASN A 211 -20.95 -10.85 -2.30
CA ASN A 211 -21.74 -10.56 -3.52
C ASN A 211 -20.88 -10.00 -4.66
N THR A 212 -19.89 -9.19 -4.27
CA THR A 212 -18.97 -8.57 -5.21
C THR A 212 -18.12 -9.62 -5.91
N VAL A 213 -17.59 -10.57 -5.14
CA VAL A 213 -16.78 -11.64 -5.71
C VAL A 213 -17.61 -12.42 -6.74
N ARG A 214 -18.86 -12.76 -6.39
CA ARG A 214 -19.76 -13.45 -7.30
C ARG A 214 -20.11 -12.61 -8.54
N TYR A 215 -20.40 -11.33 -8.33
CA TYR A 215 -20.63 -10.38 -9.41
C TYR A 215 -19.48 -10.43 -10.41
N LEU A 216 -18.26 -10.29 -9.92
CA LEU A 216 -17.08 -10.24 -10.80
C LEU A 216 -16.81 -11.58 -11.47
N GLN A 217 -17.01 -12.67 -10.73
CA GLN A 217 -16.77 -13.99 -11.29
C GLN A 217 -17.79 -14.32 -12.37
N CYS A 218 -18.95 -13.67 -12.30
CA CYS A 218 -20.01 -13.80 -13.29
C CYS A 218 -19.85 -12.88 -14.50
N GLY A 219 -18.74 -12.17 -14.58
CA GLY A 219 -18.52 -11.27 -15.70
C GLY A 219 -19.01 -9.83 -15.53
N GLY A 220 -19.47 -9.48 -14.33
CA GLY A 220 -19.90 -8.12 -14.06
C GLY A 220 -18.83 -7.09 -14.35
N SER A 221 -19.24 -5.99 -14.98
CA SER A 221 -18.36 -4.86 -15.27
C SER A 221 -18.96 -3.62 -14.61
N TRP A 222 -18.31 -3.19 -13.52
CA TRP A 222 -18.81 -2.05 -12.76
C TRP A 222 -19.00 -0.82 -13.66
N ARG A 223 -18.13 -0.62 -14.64
CA ARG A 223 -18.22 0.53 -15.54
C ARG A 223 -19.51 0.49 -16.40
N GLU A 224 -19.84 -0.70 -16.89
CA GLU A 224 -21.07 -0.89 -17.66
C GLU A 224 -22.33 -0.75 -16.80
N ASP A 225 -22.25 -1.20 -15.55
CA ASP A 225 -23.40 -1.26 -14.68
C ASP A 225 -23.58 0.00 -13.83
N TRP A 226 -22.57 0.87 -13.80
CA TRP A 226 -22.55 2.05 -12.94
C TRP A 226 -23.84 2.89 -13.00
N GLY A 227 -24.37 3.11 -14.21
CA GLY A 227 -25.61 3.83 -14.41
C GLY A 227 -26.82 3.26 -13.67
N GLN A 228 -26.79 1.98 -13.31
CA GLN A 228 -27.90 1.37 -12.60
C GLN A 228 -28.03 1.85 -11.15
N LEU A 229 -26.97 2.43 -10.59
CA LEU A 229 -27.01 2.99 -9.23
C LEU A 229 -27.77 4.33 -9.15
N SER A 230 -27.99 4.95 -10.31
CA SER A 230 -28.75 6.20 -10.39
C SER A 230 -30.19 5.98 -10.86
N GLY A 231 -30.49 4.76 -11.31
CA GLY A 231 -31.83 4.39 -11.78
C GLY A 231 -32.12 4.93 -13.16
N GLY A 246 -23.92 -14.03 -17.33
CA GLY A 246 -25.29 -14.45 -17.04
C GLY A 246 -25.78 -13.90 -15.71
N PRO A 247 -26.56 -14.70 -14.98
CA PRO A 247 -27.08 -14.33 -13.66
C PRO A 247 -25.98 -13.87 -12.70
N ARG A 248 -26.20 -12.72 -12.06
CA ARG A 248 -25.28 -12.16 -11.08
C ARG A 248 -26.01 -11.22 -10.13
N PRO A 249 -25.39 -10.91 -8.99
CA PRO A 249 -25.90 -9.86 -8.09
C PRO A 249 -26.06 -8.51 -8.80
N HIS A 250 -27.07 -7.72 -8.41
CA HIS A 250 -27.17 -6.35 -8.87
C HIS A 250 -25.98 -5.57 -8.30
N ILE A 251 -25.36 -4.73 -9.12
CA ILE A 251 -24.27 -3.86 -8.64
C ILE A 251 -24.63 -3.12 -7.34
N GLY A 252 -25.92 -2.81 -7.18
CA GLY A 252 -26.44 -2.21 -5.96
C GLY A 252 -26.27 -3.07 -4.73
N ASP A 253 -26.06 -4.37 -4.95
CA ASP A 253 -25.73 -5.28 -3.86
C ASP A 253 -24.25 -5.65 -3.79
N THR A 254 -23.37 -4.79 -4.30
CA THR A 254 -21.92 -5.04 -4.21
C THR A 254 -21.20 -3.87 -3.55
N LEU A 255 -19.90 -4.04 -3.31
CA LEU A 255 -19.08 -2.96 -2.74
C LEU A 255 -19.07 -1.69 -3.61
N PHE A 256 -19.34 -1.84 -4.90
CA PHE A 256 -19.31 -0.71 -5.82
C PHE A 256 -20.32 0.37 -5.44
N THR A 257 -21.47 -0.04 -4.91
CA THR A 257 -22.49 0.92 -4.47
C THR A 257 -21.99 1.94 -3.40
N LEU A 258 -21.00 1.53 -2.60
CA LEU A 258 -20.46 2.42 -1.56
C LEU A 258 -19.74 3.63 -2.14
N PHE A 259 -19.22 3.47 -3.37
CA PHE A 259 -18.37 4.47 -3.98
C PHE A 259 -19.08 5.45 -4.92
N ARG A 260 -20.41 5.45 -4.87
CA ARG A 260 -21.21 6.51 -5.45
C ARG A 260 -21.20 7.71 -4.49
N ALA A 261 -20.21 7.76 -3.63
CA ALA A 261 -20.11 8.81 -2.63
C ALA A 261 -19.83 10.13 -3.33
N PRO A 262 -20.58 11.18 -2.95
CA PRO A 262 -20.43 12.51 -3.57
C PRO A 262 -19.03 13.10 -3.47
N GLU A 263 -18.27 12.74 -2.44
CA GLU A 263 -16.88 13.21 -2.34
C GLU A 263 -16.06 12.77 -3.56
N LEU A 264 -16.50 11.71 -4.24
CA LEU A 264 -15.71 11.13 -5.32
C LEU A 264 -16.13 11.64 -6.68
N LEU A 265 -17.19 12.46 -6.71
CA LEU A 265 -17.80 12.86 -7.98
C LEU A 265 -17.52 14.30 -8.41
N ALA A 266 -17.37 14.50 -9.72
CA ALA A 266 -17.24 15.83 -10.33
C ALA A 266 -18.58 16.58 -10.30
N PRO A 267 -18.60 17.90 -10.55
CA PRO A 267 -19.86 18.67 -10.59
C PRO A 267 -20.93 18.10 -11.53
N ASN A 268 -20.54 17.42 -12.59
CA ASN A 268 -21.47 16.81 -13.53
C ASN A 268 -21.91 15.40 -13.14
N GLY A 269 -21.47 14.96 -11.96
CA GLY A 269 -21.89 13.67 -11.46
C GLY A 269 -20.98 12.52 -11.78
N ASP A 270 -20.01 12.71 -12.69
CA ASP A 270 -19.11 11.63 -13.07
C ASP A 270 -18.11 11.35 -11.94
N LEU A 271 -17.78 10.08 -11.75
CA LEU A 271 -16.65 9.68 -10.92
C LEU A 271 -15.32 10.18 -11.53
N TYR A 272 -14.46 10.79 -10.71
CA TYR A 272 -13.11 11.14 -11.16
C TYR A 272 -12.35 9.88 -11.58
N ASN A 273 -11.54 10.01 -12.62
CA ASN A 273 -10.78 8.90 -13.14
C ASN A 273 -9.89 8.25 -12.09
N VAL A 274 -9.27 9.05 -11.23
CA VAL A 274 -8.43 8.50 -10.18
C VAL A 274 -9.20 7.48 -9.32
N PHE A 275 -10.49 7.76 -9.06
CA PHE A 275 -11.28 6.88 -8.21
C PHE A 275 -11.78 5.69 -8.99
N ALA A 276 -12.08 5.92 -10.27
CA ALA A 276 -12.51 4.86 -11.19
C ALA A 276 -11.39 3.83 -11.40
N TRP A 277 -10.15 4.30 -11.50
CA TRP A 277 -8.99 3.41 -11.58
C TRP A 277 -8.86 2.58 -10.32
N ALA A 278 -9.09 3.19 -9.16
CA ALA A 278 -9.08 2.44 -7.91
C ALA A 278 -10.12 1.31 -7.87
N LEU A 279 -11.30 1.57 -8.47
CA LEU A 279 -12.33 0.55 -8.63
C LEU A 279 -11.92 -0.57 -9.60
N ASP A 280 -11.21 -0.23 -10.68
CA ASP A 280 -10.67 -1.26 -11.57
C ASP A 280 -9.73 -2.16 -10.78
N VAL A 281 -8.91 -1.54 -9.94
CA VAL A 281 -8.01 -2.27 -9.04
C VAL A 281 -8.81 -3.18 -8.10
N LEU A 282 -9.83 -2.64 -7.45
CA LEU A 282 -10.72 -3.46 -6.63
C LEU A 282 -11.16 -4.73 -7.38
N ALA A 283 -11.64 -4.54 -8.61
CA ALA A 283 -12.13 -5.66 -9.42
C ALA A 283 -11.07 -6.73 -9.59
N LYS A 284 -9.83 -6.31 -9.90
CA LYS A 284 -8.72 -7.23 -10.15
C LYS A 284 -8.23 -7.93 -8.86
N ARG A 285 -8.36 -7.26 -7.71
CA ARG A 285 -8.03 -7.87 -6.42
C ARG A 285 -9.04 -8.92 -5.94
N LEU A 286 -10.31 -8.72 -6.28
CA LEU A 286 -11.38 -9.55 -5.70
C LEU A 286 -11.81 -10.72 -6.58
N ARG A 287 -11.82 -10.52 -7.90
CA ARG A 287 -12.24 -11.57 -8.82
C ARG A 287 -11.50 -12.92 -8.65
N SER A 288 -10.19 -12.87 -8.47
CA SER A 288 -9.38 -14.09 -8.27
C SER A 288 -9.62 -14.85 -6.96
N MET A 289 -10.35 -14.28 -6.01
CA MET A 289 -10.47 -14.90 -4.69
C MET A 289 -11.49 -16.04 -4.70
N HIS A 290 -11.20 -17.07 -3.91
CA HIS A 290 -12.14 -18.17 -3.72
C HIS A 290 -12.76 -18.05 -2.33
N VAL A 291 -14.08 -17.82 -2.32
CA VAL A 291 -14.84 -17.51 -1.13
C VAL A 291 -15.59 -18.73 -0.66
N PHE A 292 -15.48 -19.01 0.64
CA PHE A 292 -16.18 -20.15 1.24
C PHE A 292 -16.92 -19.66 2.47
N ILE A 293 -18.20 -20.01 2.59
CA ILE A 293 -19.03 -19.56 3.70
C ILE A 293 -19.13 -20.59 4.83
N LEU A 294 -18.72 -20.18 6.02
CA LEU A 294 -18.76 -21.05 7.19
C LEU A 294 -19.94 -20.63 8.09
N ASP A 295 -20.86 -21.58 8.33
CA ASP A 295 -21.97 -21.37 9.24
C ASP A 295 -21.47 -21.45 10.68
N TYR A 296 -21.44 -20.30 11.37
CA TYR A 296 -20.98 -20.31 12.76
C TYR A 296 -22.11 -20.56 13.79
N ASP A 297 -23.32 -20.76 13.30
CA ASP A 297 -24.52 -20.91 14.14
C ASP A 297 -24.68 -22.34 14.63
N GLN A 298 -23.62 -22.88 15.24
CA GLN A 298 -23.60 -24.24 15.75
C GLN A 298 -22.53 -24.33 16.83
N SER A 299 -22.38 -25.52 17.43
CA SER A 299 -21.40 -25.76 18.48
C SER A 299 -19.99 -25.57 17.95
N PRO A 300 -19.03 -25.27 18.83
CA PRO A 300 -17.63 -25.16 18.42
C PRO A 300 -17.12 -26.41 17.67
N ALA A 301 -17.65 -27.59 18.00
CA ALA A 301 -17.24 -28.81 17.31
C ALA A 301 -17.72 -28.83 15.86
N GLY A 302 -18.98 -28.45 15.67
CA GLY A 302 -19.59 -28.38 14.36
C GLY A 302 -18.90 -27.34 13.48
N CYS A 303 -18.52 -26.20 14.07
CA CYS A 303 -17.76 -25.15 13.39
C CYS A 303 -16.42 -25.68 12.89
N ARG A 304 -15.69 -26.35 13.79
CA ARG A 304 -14.42 -27.00 13.44
C ARG A 304 -14.61 -27.96 12.28
N ASP A 305 -15.65 -28.80 12.37
CA ASP A 305 -15.92 -29.82 11.37
C ASP A 305 -16.34 -29.20 10.06
N ALA A 306 -17.23 -28.21 10.12
CA ALA A 306 -17.64 -27.45 8.95
C ALA A 306 -16.44 -26.86 8.22
N LEU A 307 -15.53 -26.24 8.97
CA LEU A 307 -14.33 -25.68 8.39
C LEU A 307 -13.53 -26.74 7.64
N LEU A 308 -13.32 -27.90 8.26
CA LEU A 308 -12.61 -29.00 7.61
C LEU A 308 -13.33 -29.45 6.34
N GLN A 309 -14.66 -29.54 6.41
CA GLN A 309 -15.46 -29.88 5.24
C GLN A 309 -15.20 -28.92 4.10
N LEU A 310 -15.08 -27.64 4.43
CA LEU A 310 -14.84 -26.61 3.41
C LEU A 310 -13.51 -26.71 2.65
N THR A 311 -12.49 -27.36 3.24
CA THR A 311 -11.19 -27.43 2.56
C THR A 311 -11.13 -28.26 1.28
N SER A 312 -12.01 -29.27 1.13
CA SER A 312 -11.99 -30.14 -0.06
C SER A 312 -12.16 -29.38 -1.37
N GLY A 313 -12.92 -28.29 -1.33
CA GLY A 313 -13.11 -27.45 -2.50
C GLY A 313 -12.13 -26.31 -2.66
N MET A 314 -11.21 -26.14 -1.72
CA MET A 314 -10.25 -25.01 -1.75
C MET A 314 -9.14 -25.23 -2.76
N VAL A 315 -8.57 -24.13 -3.25
CA VAL A 315 -7.57 -24.21 -4.30
C VAL A 315 -6.14 -24.22 -3.77
N GLN A 316 -5.40 -25.26 -4.15
CA GLN A 316 -4.01 -25.46 -3.81
C GLN A 316 -3.14 -24.82 -4.87
N THR A 317 -1.91 -24.49 -4.50
CA THR A 317 -0.88 -24.09 -5.45
C THR A 317 0.39 -24.90 -5.26
N HIS A 318 1.26 -24.82 -6.26
CA HIS A 318 2.65 -25.21 -6.10
C HIS A 318 3.45 -24.10 -5.41
N VAL A 319 4.57 -24.48 -4.81
CA VAL A 319 5.54 -23.50 -4.35
C VAL A 319 6.58 -23.31 -5.46
N THR A 320 7.50 -22.37 -5.28
CA THR A 320 8.42 -22.00 -6.37
C THR A 320 9.80 -22.66 -6.22
N THR A 321 10.15 -23.05 -4.99
CA THR A 321 11.46 -23.69 -4.74
C THR A 321 11.30 -24.95 -3.88
N PRO A 322 12.24 -25.90 -4.02
CA PRO A 322 12.21 -27.12 -3.22
C PRO A 322 12.36 -26.80 -1.74
N GLY A 323 13.03 -25.68 -1.45
CA GLY A 323 13.24 -25.22 -0.09
C GLY A 323 12.11 -24.38 0.45
N SER A 324 11.09 -24.11 -0.36
CA SER A 324 9.97 -23.26 0.05
C SER A 324 9.23 -23.75 1.29
N ILE A 325 8.72 -24.98 1.27
CA ILE A 325 8.02 -25.52 2.44
C ILE A 325 8.86 -25.43 3.72
N PRO A 326 10.12 -25.90 3.69
CA PRO A 326 11.03 -25.67 4.82
C PRO A 326 11.05 -24.20 5.29
N THR A 327 11.24 -23.23 4.38
CA THR A 327 11.30 -21.84 4.84
C THR A 327 9.96 -21.23 5.27
N ILE A 328 8.85 -21.70 4.70
CA ILE A 328 7.52 -21.25 5.10
C ILE A 328 7.19 -21.70 6.53
N CYS A 329 7.46 -22.96 6.82
CA CYS A 329 7.32 -23.51 8.18
C CYS A 329 8.26 -22.78 9.15
N ASP A 330 9.41 -22.34 8.64
CA ASP A 330 10.34 -21.55 9.45
C ASP A 330 9.77 -20.15 9.70
N LEU A 331 9.09 -19.61 8.69
CA LEU A 331 8.50 -18.26 8.79
C LEU A 331 7.25 -18.24 9.66
N ALA A 332 6.49 -19.33 9.64
CA ALA A 332 5.29 -19.47 10.46
C ALA A 332 5.62 -19.73 11.92
N ARG A 333 6.70 -20.47 12.16
CA ARG A 333 7.16 -20.73 13.53
C ARG A 333 7.68 -19.45 14.20
N THR A 334 8.52 -18.71 13.47
CA THR A 334 9.09 -17.46 13.98
C THR A 334 8.02 -16.41 14.21
N PHE A 335 7.02 -16.39 13.33
CA PHE A 335 5.84 -15.52 13.47
C PHE A 335 5.05 -15.89 14.72
N ALA A 336 4.98 -17.19 15.03
CA ALA A 336 4.19 -17.69 16.15
C ALA A 336 4.65 -17.22 17.53
N ARG A 337 5.97 -17.04 17.70
CA ARG A 337 6.53 -16.64 18.99
C ARG A 337 5.98 -15.29 19.46
N GLU A 338 5.83 -14.35 18.53
CA GLU A 338 5.24 -13.05 18.84
C GLU A 338 3.82 -12.92 18.29
N MET B 13 5.22 -6.14 -26.92
CA MET B 13 6.25 -6.37 -27.98
C MET B 13 6.85 -5.06 -28.58
N PRO B 14 6.06 -4.00 -28.75
CA PRO B 14 6.61 -2.64 -28.73
C PRO B 14 7.33 -2.40 -27.39
N THR B 15 8.30 -1.51 -27.34
CA THR B 15 9.02 -1.28 -26.09
C THR B 15 8.57 -0.03 -25.32
N LEU B 16 8.77 -0.09 -24.00
CA LEU B 16 8.45 1.02 -23.10
C LEU B 16 9.64 1.45 -22.26
N LEU B 17 9.88 2.76 -22.21
CA LEU B 17 10.78 3.32 -21.23
C LEU B 17 10.03 4.11 -20.15
N ARG B 18 10.26 3.74 -18.91
CA ARG B 18 9.69 4.46 -17.78
C ARG B 18 10.81 5.14 -17.02
N VAL B 19 10.60 6.40 -16.69
CA VAL B 19 11.60 7.19 -16.03
C VAL B 19 10.92 7.96 -14.94
N TYR B 20 11.31 7.70 -13.69
CA TYR B 20 10.73 8.38 -12.51
C TYR B 20 11.74 9.37 -11.98
N ILE B 21 11.44 10.66 -12.05
CA ILE B 21 12.35 11.68 -11.54
C ILE B 21 11.88 12.04 -10.14
N ASP B 22 12.78 11.92 -9.18
CA ASP B 22 12.41 11.98 -7.76
C ASP B 22 13.53 12.63 -6.93
N GLY B 23 13.34 12.73 -5.63
CA GLY B 23 14.31 13.37 -4.76
C GLY B 23 13.66 14.47 -3.98
N PRO B 24 14.45 15.22 -3.23
CA PRO B 24 13.94 16.33 -2.42
C PRO B 24 13.20 17.31 -3.32
N HIS B 25 12.12 17.90 -2.80
CA HIS B 25 11.49 19.04 -3.44
C HIS B 25 12.47 20.22 -3.49
N GLY B 26 12.27 21.08 -4.49
CA GLY B 26 12.96 22.35 -4.57
C GLY B 26 14.22 22.33 -5.42
N MET B 27 14.41 21.28 -6.21
CA MET B 27 15.63 21.16 -7.02
C MET B 27 15.44 21.57 -8.48
N GLY B 28 14.19 21.61 -8.94
CA GLY B 28 13.88 21.91 -10.33
C GLY B 28 13.47 20.67 -11.13
N LYS B 29 13.11 19.61 -10.41
CA LYS B 29 12.68 18.36 -11.07
C LYS B 29 11.50 18.59 -12.03
N THR B 30 10.46 19.28 -11.55
CA THR B 30 9.24 19.43 -12.34
C THR B 30 9.52 20.18 -13.65
N THR B 31 10.31 21.24 -13.56
CA THR B 31 10.73 21.96 -14.76
C THR B 31 11.47 21.04 -15.76
N THR B 32 12.45 20.29 -15.25
CA THR B 32 13.33 19.48 -16.10
C THR B 32 12.59 18.47 -16.97
N THR B 33 11.61 17.79 -16.35
CA THR B 33 10.81 16.80 -17.04
C THR B 33 9.92 17.40 -18.12
N GLN B 34 9.34 18.55 -17.84
CA GLN B 34 8.56 19.29 -18.84
C GLN B 34 9.41 19.72 -20.02
N LEU B 35 10.61 20.22 -19.76
CA LEU B 35 11.49 20.65 -20.85
C LEU B 35 11.88 19.48 -21.74
N LEU B 36 12.07 18.33 -21.11
CA LEU B 36 12.44 17.11 -21.82
C LEU B 36 11.31 16.65 -22.74
N VAL B 37 10.11 16.57 -22.17
CA VAL B 37 8.91 16.21 -22.91
C VAL B 37 8.66 17.20 -24.05
N ALA B 38 8.87 18.49 -23.79
CA ALA B 38 8.71 19.52 -24.80
C ALA B 38 9.60 19.31 -26.04
N LEU B 39 10.74 18.65 -25.87
CA LEU B 39 11.64 18.35 -26.98
C LEU B 39 10.98 17.54 -28.09
N GLY B 40 9.70 17.25 -27.90
CA GLY B 40 8.80 16.94 -29.00
C GLY B 40 8.27 15.52 -29.10
N SER B 41 7.51 15.28 -30.17
CA SER B 41 7.03 13.95 -30.54
C SER B 41 5.57 13.70 -30.15
N ARG B 42 5.22 14.05 -28.90
CA ARG B 42 3.86 13.96 -28.35
C ARG B 42 3.22 12.57 -28.46
N ASP B 43 3.37 11.94 -29.61
CA ASP B 43 2.89 10.59 -29.83
C ASP B 43 3.82 9.51 -29.23
N ASP B 44 4.95 9.91 -28.65
CA ASP B 44 5.87 8.91 -28.08
C ASP B 44 6.61 9.28 -26.80
N ILE B 45 6.34 10.46 -26.25
CA ILE B 45 6.75 10.79 -24.89
C ILE B 45 5.62 11.50 -24.16
N VAL B 46 5.31 11.03 -22.96
CA VAL B 46 4.25 11.62 -22.14
C VAL B 46 4.68 11.81 -20.66
N TYR B 47 4.19 12.90 -20.07
CA TYR B 47 4.53 13.31 -18.70
C TYR B 47 3.39 12.96 -17.75
N VAL B 48 3.73 12.28 -16.65
CA VAL B 48 2.81 12.05 -15.53
C VAL B 48 3.22 12.96 -14.36
N PRO B 49 2.48 14.06 -14.16
CA PRO B 49 2.92 15.14 -13.24
C PRO B 49 2.64 14.84 -11.77
N GLU B 50 3.11 15.71 -10.86
CA GLU B 50 2.66 15.69 -9.48
C GLU B 50 1.16 15.92 -9.45
N PRO B 51 0.42 15.04 -8.76
CA PRO B 51 -1.04 15.11 -8.71
C PRO B 51 -1.53 16.18 -7.73
N MET B 52 -1.13 17.42 -7.98
CA MET B 52 -1.48 18.58 -7.15
C MET B 52 -2.98 18.76 -6.91
N THR B 53 -3.81 18.52 -7.91
CA THR B 53 -5.22 18.74 -7.64
C THR B 53 -5.80 17.62 -6.79
N TYR B 54 -5.16 16.45 -6.81
CA TYR B 54 -5.55 15.40 -5.85
C TYR B 54 -5.24 15.82 -4.44
N TRP B 55 -3.98 16.21 -4.22
CA TRP B 55 -3.52 16.71 -2.91
C TRP B 55 -4.32 17.90 -2.37
N ARG B 56 -4.71 18.82 -3.25
CA ARG B 56 -5.29 20.07 -2.80
C ARG B 56 -6.82 20.09 -2.81
N VAL B 57 -7.43 19.25 -3.64
CA VAL B 57 -8.89 19.23 -3.80
C VAL B 57 -9.52 17.82 -3.79
N LEU B 58 -9.05 16.92 -4.63
CA LEU B 58 -9.83 15.67 -4.83
C LEU B 58 -9.75 14.68 -3.67
N GLY B 59 -8.54 14.47 -3.14
CA GLY B 59 -8.35 13.52 -2.05
C GLY B 59 -8.70 14.05 -0.68
N ALA B 60 -8.40 15.33 -0.48
CA ALA B 60 -8.61 16.07 0.79
C ALA B 60 -8.35 17.53 0.48
N SER B 61 -8.64 18.41 1.43
CA SER B 61 -8.48 19.83 1.21
C SER B 61 -7.09 20.31 1.64
N GLU B 62 -6.33 20.84 0.68
CA GLU B 62 -5.04 21.47 0.94
C GLU B 62 -4.14 20.60 1.85
N THR B 63 -3.75 19.43 1.34
CA THR B 63 -2.93 18.47 2.08
C THR B 63 -1.55 19.03 2.35
N ILE B 64 -1.00 19.73 1.37
CA ILE B 64 0.31 20.37 1.54
C ILE B 64 0.32 21.32 2.76
N ALA B 65 -0.66 22.22 2.86
CA ALA B 65 -0.82 23.13 4.00
C ALA B 65 -0.94 22.37 5.31
N ASN B 66 -1.79 21.34 5.29
CA ASN B 66 -2.00 20.44 6.41
C ASN B 66 -0.67 19.85 6.90
N ILE B 67 0.19 19.43 5.96
CA ILE B 67 1.47 18.84 6.32
C ILE B 67 2.41 19.83 7.03
N TYR B 68 2.57 21.01 6.44
CA TYR B 68 3.48 22.00 6.98
C TYR B 68 2.95 22.68 8.26
N THR B 69 1.63 22.84 8.33
CA THR B 69 1.01 23.37 9.54
C THR B 69 1.14 22.37 10.70
N THR B 70 0.99 21.08 10.40
CA THR B 70 1.10 20.05 11.42
C THR B 70 2.50 19.98 12.05
N GLN B 71 3.53 20.05 11.20
CA GLN B 71 4.90 20.15 11.70
C GLN B 71 5.17 21.47 12.45
N HIS B 72 4.57 22.55 12.00
CA HIS B 72 4.79 23.84 12.65
C HIS B 72 4.24 23.84 14.08
N ARG B 73 3.03 23.32 14.23
CA ARG B 73 2.34 23.21 15.51
C ARG B 73 3.08 22.28 16.47
N LEU B 74 3.68 21.24 15.91
CA LEU B 74 4.52 20.33 16.71
C LEU B 74 5.76 21.06 17.19
N ASP B 75 6.41 21.79 16.28
CA ASP B 75 7.63 22.54 16.58
C ASP B 75 7.38 23.57 17.69
N GLN B 76 6.21 24.19 17.65
CA GLN B 76 5.80 25.19 18.63
C GLN B 76 5.20 24.56 19.89
N GLY B 77 5.16 23.23 19.95
CA GLY B 77 4.64 22.52 21.12
C GLY B 77 3.16 22.73 21.37
N GLU B 78 2.41 23.04 20.31
CA GLU B 78 0.96 23.27 20.40
C GLU B 78 0.16 21.98 20.29
N ILE B 79 0.80 20.95 19.73
CA ILE B 79 0.24 19.60 19.70
C ILE B 79 1.33 18.60 20.10
N SER B 80 0.91 17.42 20.54
CA SER B 80 1.80 16.37 20.99
C SER B 80 2.37 15.60 19.80
N ALA B 81 3.42 14.83 20.04
CA ALA B 81 4.01 13.93 19.04
C ALA B 81 2.99 12.96 18.44
N GLY B 82 2.22 12.31 19.31
CA GLY B 82 1.18 11.38 18.92
C GLY B 82 0.12 11.98 18.01
N ASP B 83 -0.33 13.18 18.34
CA ASP B 83 -1.35 13.87 17.54
C ASP B 83 -0.78 14.36 16.21
N ALA B 84 0.49 14.75 16.21
CA ALA B 84 1.16 15.09 14.97
C ALA B 84 1.24 13.87 14.07
N ALA B 85 1.59 12.73 14.68
CA ALA B 85 1.79 11.48 13.95
C ALA B 85 0.56 10.98 13.22
N VAL B 86 -0.61 11.07 13.85
CA VAL B 86 -1.82 10.56 13.21
C VAL B 86 -2.26 11.41 12.04
N VAL B 87 -2.12 12.74 12.18
CA VAL B 87 -2.38 13.69 11.08
C VAL B 87 -1.39 13.49 9.91
N MET B 88 -0.11 13.36 10.24
CA MET B 88 0.94 13.18 9.23
C MET B 88 0.77 11.85 8.48
N THR B 89 0.50 10.78 9.22
CA THR B 89 0.31 9.45 8.62
C THR B 89 -0.85 9.48 7.64
N SER B 90 -1.97 10.04 8.09
CA SER B 90 -3.18 10.12 7.29
C SER B 90 -2.99 11.03 6.05
N ALA B 91 -2.30 12.15 6.25
CA ALA B 91 -1.95 13.04 5.14
C ALA B 91 -1.06 12.32 4.11
N GLN B 92 -0.15 11.46 4.61
CA GLN B 92 0.76 10.78 3.70
C GLN B 92 0.05 9.72 2.87
N ILE B 93 -1.02 9.15 3.40
CA ILE B 93 -1.84 8.26 2.61
C ILE B 93 -2.50 9.02 1.44
N THR B 94 -3.10 10.17 1.73
CA THR B 94 -3.61 11.06 0.69
C THR B 94 -2.51 11.36 -0.34
N MET B 95 -1.31 11.70 0.15
CA MET B 95 -0.22 12.07 -0.76
C MET B 95 0.10 10.94 -1.75
N GLY B 96 0.06 9.69 -1.27
CA GLY B 96 0.52 8.57 -2.07
C GLY B 96 -0.49 7.95 -3.01
N MET B 97 -1.78 8.19 -2.74
CA MET B 97 -2.84 7.49 -3.45
C MET B 97 -2.72 7.48 -5.00
N PRO B 98 -2.53 8.64 -5.65
CA PRO B 98 -2.48 8.68 -7.12
C PRO B 98 -1.33 7.90 -7.68
N TYR B 99 -0.22 7.90 -6.95
CA TYR B 99 0.97 7.14 -7.33
C TYR B 99 0.71 5.65 -7.26
N ALA B 100 0.12 5.23 -6.13
CA ALA B 100 -0.22 3.83 -5.88
C ALA B 100 -1.18 3.29 -6.91
N VAL B 101 -2.22 4.07 -7.20
CA VAL B 101 -3.24 3.66 -8.16
C VAL B 101 -2.66 3.52 -9.57
N THR B 102 -1.81 4.48 -9.94
CA THR B 102 -1.20 4.50 -11.27
C THR B 102 -0.33 3.27 -11.46
N ASP B 103 0.53 3.03 -10.48
CA ASP B 103 1.38 1.88 -10.47
C ASP B 103 0.58 0.58 -10.58
N ALA B 104 -0.57 0.51 -9.90
CA ALA B 104 -1.39 -0.69 -9.91
C ALA B 104 -2.06 -0.97 -11.26
N VAL B 105 -2.52 0.07 -11.95
CA VAL B 105 -3.16 -0.12 -13.25
C VAL B 105 -2.12 -0.29 -14.38
N LEU B 106 -0.90 0.19 -14.16
CA LEU B 106 0.20 0.02 -15.10
C LEU B 106 0.83 -1.37 -15.02
N ALA B 107 1.01 -1.88 -13.80
CA ALA B 107 1.76 -3.12 -13.54
C ALA B 107 1.52 -4.29 -14.55
N PRO B 108 0.27 -4.67 -14.83
CA PRO B 108 0.02 -5.80 -15.74
C PRO B 108 0.43 -5.52 -17.19
N HIS B 109 0.67 -4.26 -17.55
CA HIS B 109 1.16 -3.93 -18.89
C HIS B 109 2.66 -4.13 -19.07
N ILE B 110 3.40 -4.26 -17.96
CA ILE B 110 4.85 -4.25 -18.02
C ILE B 110 5.44 -5.65 -18.13
N GLY B 111 6.16 -5.89 -19.23
CA GLY B 111 6.74 -7.18 -19.51
C GLY B 111 8.19 -7.30 -19.09
N GLY B 112 8.96 -8.09 -19.83
CA GLY B 112 10.35 -8.33 -19.50
C GLY B 112 11.29 -7.24 -19.99
N GLU B 113 12.42 -7.14 -19.31
CA GLU B 113 13.61 -6.41 -19.76
C GLU B 113 13.78 -6.46 -21.29
N ALA B 114 13.92 -5.29 -21.91
CA ALA B 114 14.16 -5.19 -23.35
C ALA B 114 15.62 -4.83 -23.66
N GLY B 115 16.13 -3.79 -23.00
CA GLY B 115 17.53 -3.44 -23.09
C GLY B 115 17.89 -1.96 -22.97
N SER B 116 17.21 -1.11 -23.75
CA SER B 116 17.71 0.21 -24.17
C SER B 116 19.18 0.15 -24.57
N SER B 117 20.07 0.07 -23.56
CA SER B 117 21.45 -0.33 -23.80
C SER B 117 21.58 -1.17 -25.09
N HIS B 118 21.96 -0.49 -26.17
CA HIS B 118 22.12 -1.09 -27.52
C HIS B 118 20.82 -1.65 -28.13
N ALA B 119 19.69 -1.09 -27.70
CA ALA B 119 18.37 -1.38 -28.26
C ALA B 119 17.85 -0.12 -28.97
N PRO B 120 16.91 -0.28 -29.92
CA PRO B 120 16.36 0.86 -30.68
C PRO B 120 15.55 1.87 -29.81
N PRO B 121 14.73 2.74 -30.41
CA PRO B 121 14.06 3.78 -29.63
C PRO B 121 12.72 3.28 -29.06
N PRO B 122 12.36 3.72 -27.85
CA PRO B 122 11.09 3.30 -27.24
C PRO B 122 9.91 3.72 -28.09
N ALA B 123 8.91 2.85 -28.21
CA ALA B 123 7.66 3.23 -28.86
C ALA B 123 6.91 4.23 -28.00
N LEU B 124 7.16 4.19 -26.69
CA LEU B 124 6.64 5.17 -25.74
C LEU B 124 7.60 5.41 -24.56
N THR B 125 7.78 6.68 -24.21
CA THR B 125 8.49 7.02 -22.99
C THR B 125 7.52 7.72 -22.01
N LEU B 126 7.39 7.18 -20.80
CA LEU B 126 6.67 7.83 -19.70
C LEU B 126 7.64 8.45 -18.71
N ILE B 127 7.55 9.76 -18.54
CA ILE B 127 8.35 10.47 -17.53
C ILE B 127 7.43 10.73 -16.34
N PHE B 128 7.72 10.13 -15.19
CA PHE B 128 6.92 10.35 -14.01
C PHE B 128 7.56 11.42 -13.13
N ASP B 129 6.71 12.30 -12.61
CA ASP B 129 7.12 13.15 -11.51
C ASP B 129 6.97 12.38 -10.20
N ARG B 130 8.05 11.74 -9.76
CA ARG B 130 8.08 10.91 -8.54
C ARG B 130 7.60 9.47 -8.76
N HIS B 131 8.17 8.56 -7.97
CA HIS B 131 7.79 7.15 -7.89
C HIS B 131 7.00 6.96 -6.60
N PRO B 132 6.12 5.94 -6.51
CA PRO B 132 5.44 5.59 -5.26
C PRO B 132 6.27 5.66 -3.99
N ILE B 133 7.57 5.35 -4.04
CA ILE B 133 8.36 5.35 -2.81
C ILE B 133 8.54 6.73 -2.20
N ALA B 134 8.25 7.78 -2.98
CA ALA B 134 8.36 9.13 -2.43
C ALA B 134 7.37 9.28 -1.28
N ALA B 135 6.12 8.89 -1.53
CA ALA B 135 5.06 9.11 -0.55
C ALA B 135 4.94 7.94 0.41
N LEU B 136 5.44 6.78 -0.01
CA LEU B 136 5.35 5.54 0.81
C LEU B 136 6.59 5.23 1.63
N LEU B 137 7.70 5.95 1.42
CA LEU B 137 8.97 5.63 2.09
C LEU B 137 9.75 6.88 2.49
N CYS B 138 10.12 7.69 1.49
CA CYS B 138 11.03 8.81 1.71
C CYS B 138 10.48 9.95 2.57
N TYR B 139 9.31 10.49 2.23
CA TYR B 139 8.70 11.56 3.04
C TYR B 139 8.25 11.04 4.42
N PRO B 140 7.63 9.86 4.49
CA PRO B 140 7.38 9.25 5.82
C PRO B 140 8.68 9.10 6.65
N ALA B 141 9.75 8.60 6.05
CA ALA B 141 11.04 8.49 6.74
C ALA B 141 11.60 9.84 7.21
N ALA B 142 11.52 10.87 6.35
CA ALA B 142 11.94 12.22 6.75
C ALA B 142 11.07 12.77 7.87
N ARG B 143 9.78 12.51 7.81
CA ARG B 143 8.86 12.97 8.85
C ARG B 143 9.18 12.26 10.18
N TYR B 144 9.55 10.98 10.12
CA TYR B 144 10.08 10.30 11.29
C TYR B 144 11.28 11.08 11.86
N LEU B 145 12.24 11.44 11.00
CA LEU B 145 13.40 12.19 11.48
C LEU B 145 13.01 13.53 12.08
N MET B 146 11.87 14.07 11.64
CA MET B 146 11.35 15.36 12.13
C MET B 146 10.47 15.23 13.38
N GLY B 147 10.26 13.99 13.85
CA GLY B 147 9.50 13.72 15.07
C GLY B 147 8.00 13.66 14.89
N SER B 148 7.52 13.79 13.65
CA SER B 148 6.10 13.81 13.35
C SER B 148 5.52 12.49 12.80
N MET B 149 6.35 11.45 12.71
CA MET B 149 5.85 10.11 12.40
C MET B 149 6.61 9.09 13.22
N THR B 150 5.99 7.96 13.53
CA THR B 150 6.68 6.89 14.28
C THR B 150 7.37 5.98 13.28
N PRO B 151 8.44 5.31 13.69
CA PRO B 151 9.12 4.35 12.80
C PRO B 151 8.26 3.13 12.49
N GLN B 152 7.34 2.77 13.39
CA GLN B 152 6.41 1.66 13.17
C GLN B 152 5.51 1.97 11.97
N ALA B 153 4.97 3.19 11.93
CA ALA B 153 4.12 3.62 10.81
C ALA B 153 4.90 3.70 9.51
N VAL B 154 6.14 4.18 9.57
CA VAL B 154 6.99 4.17 8.38
C VAL B 154 7.17 2.73 7.83
N LEU B 155 7.36 1.77 8.71
CA LEU B 155 7.53 0.39 8.26
C LEU B 155 6.22 -0.21 7.80
N ALA B 156 5.13 0.25 8.40
CA ALA B 156 3.80 -0.08 7.90
C ALA B 156 3.64 0.35 6.43
N PHE B 157 4.08 1.56 6.08
CA PHE B 157 4.07 2.02 4.68
C PHE B 157 4.97 1.17 3.78
N VAL B 158 6.18 0.89 4.25
CA VAL B 158 7.14 0.06 3.51
C VAL B 158 6.54 -1.29 3.09
N ALA B 159 5.85 -1.93 4.05
CA ALA B 159 5.22 -3.22 3.82
C ALA B 159 4.17 -3.18 2.70
N LEU B 160 3.70 -1.98 2.37
CA LEU B 160 2.70 -1.77 1.33
C LEU B 160 3.24 -1.22 -0.02
N ILE B 161 4.55 -0.97 -0.11
CA ILE B 161 5.15 -0.60 -1.40
C ILE B 161 4.86 -1.74 -2.39
N PRO B 162 4.31 -1.42 -3.56
CA PRO B 162 4.04 -2.44 -4.59
C PRO B 162 5.33 -3.04 -5.16
N PRO B 163 5.26 -4.29 -5.63
CA PRO B 163 6.40 -4.96 -6.25
C PRO B 163 7.05 -4.07 -7.30
N THR B 164 8.38 -4.09 -7.33
CA THR B 164 9.12 -3.30 -8.28
C THR B 164 9.32 -4.15 -9.50
N LEU B 165 8.75 -3.70 -10.61
CA LEU B 165 8.84 -4.46 -11.86
C LEU B 165 10.10 -4.08 -12.65
N PRO B 166 10.40 -4.83 -13.70
CA PRO B 166 11.57 -4.54 -14.55
C PRO B 166 11.49 -3.13 -15.16
N GLY B 167 12.64 -2.54 -15.44
CA GLY B 167 12.72 -1.23 -16.05
C GLY B 167 12.24 -0.08 -15.18
N THR B 168 12.36 -0.23 -13.86
CA THR B 168 12.10 0.84 -12.93
C THR B 168 13.37 1.71 -12.79
N ASN B 169 13.46 2.72 -13.65
CA ASN B 169 14.54 3.69 -13.64
C ASN B 169 14.18 4.88 -12.79
N ILE B 170 15.01 5.15 -11.79
CA ILE B 170 14.79 6.23 -10.84
C ILE B 170 15.93 7.20 -11.03
N VAL B 171 15.60 8.46 -11.30
CA VAL B 171 16.58 9.54 -11.38
C VAL B 171 16.46 10.37 -10.12
N LEU B 172 17.54 10.49 -9.36
CA LEU B 172 17.53 11.26 -8.12
C LEU B 172 18.38 12.51 -8.30
N GLY B 173 17.99 13.60 -7.67
CA GLY B 173 18.66 14.88 -7.84
C GLY B 173 19.83 15.17 -6.92
N ALA B 174 20.89 15.76 -7.48
CA ALA B 174 22.02 16.26 -6.69
C ALA B 174 22.11 17.78 -6.80
N LEU B 175 22.39 18.43 -5.68
CA LEU B 175 22.49 19.89 -5.61
C LEU B 175 23.17 20.26 -4.30
N PRO B 176 24.16 21.15 -4.35
CA PRO B 176 24.76 21.67 -3.11
C PRO B 176 23.71 22.25 -2.17
N GLU B 177 23.92 22.04 -0.88
CA GLU B 177 22.98 22.49 0.14
C GLU B 177 22.67 23.99 -0.01
N ASP B 178 23.72 24.78 -0.20
CA ASP B 178 23.59 26.22 -0.26
C ASP B 178 22.69 26.72 -1.42
N ARG B 179 22.91 26.17 -2.62
CA ARG B 179 22.04 26.44 -3.78
C ARG B 179 20.61 25.96 -3.54
N HIS B 180 20.46 24.81 -2.88
CA HIS B 180 19.15 24.21 -2.59
C HIS B 180 18.35 25.06 -1.61
N ILE B 181 19.00 25.57 -0.57
CA ILE B 181 18.39 26.51 0.36
C ILE B 181 17.89 27.74 -0.39
N ASP B 182 18.76 28.30 -1.24
CA ASP B 182 18.41 29.43 -2.07
C ASP B 182 17.23 29.16 -2.98
N ARG B 183 17.19 27.97 -3.58
CA ARG B 183 16.10 27.57 -4.48
C ARG B 183 14.75 27.46 -3.74
N LEU B 184 14.81 27.00 -2.50
CA LEU B 184 13.64 26.82 -1.64
C LEU B 184 13.12 28.17 -1.13
N ALA B 185 14.06 29.06 -0.79
CA ALA B 185 13.75 30.38 -0.23
C ALA B 185 13.09 31.30 -1.24
N LYS B 186 13.30 31.01 -2.53
CA LYS B 186 12.66 31.71 -3.64
C LYS B 186 11.33 31.06 -4.01
N ARG B 187 11.27 29.74 -3.87
CA ARG B 187 10.06 29.00 -4.21
C ARG B 187 8.87 29.44 -3.33
N GLN B 188 7.72 29.68 -3.96
CA GLN B 188 6.49 29.95 -3.21
C GLN B 188 5.40 29.02 -3.72
N ARG B 189 4.82 28.25 -2.80
CA ARG B 189 3.83 27.22 -3.12
C ARG B 189 2.76 27.16 -2.03
N PRO B 190 1.48 27.26 -2.42
CA PRO B 190 0.37 27.26 -1.46
C PRO B 190 0.56 26.25 -0.31
N GLY B 191 0.64 26.79 0.89
CA GLY B 191 0.63 25.99 2.09
C GLY B 191 1.98 25.50 2.58
N GLU B 192 2.97 25.50 1.70
CA GLU B 192 4.33 25.15 2.09
C GLU B 192 4.86 26.21 3.04
N ARG B 193 5.58 25.78 4.06
CA ARG B 193 6.35 26.69 4.90
C ARG B 193 7.80 26.36 4.72
N LEU B 194 8.64 27.39 4.72
CA LEU B 194 10.09 27.19 4.62
C LEU B 194 10.60 26.48 5.88
N ASP B 195 11.01 25.23 5.71
CA ASP B 195 11.52 24.45 6.83
C ASP B 195 12.85 23.81 6.42
N LEU B 196 13.94 24.40 6.91
CA LEU B 196 15.28 23.96 6.54
C LEU B 196 15.69 22.67 7.23
N ALA B 197 15.04 22.36 8.34
CA ALA B 197 15.24 21.08 9.03
C ALA B 197 14.60 19.94 8.23
N MET B 198 13.40 20.17 7.71
CA MET B 198 12.77 19.19 6.83
C MET B 198 13.61 19.03 5.55
N LEU B 199 14.13 20.13 5.01
CA LEU B 199 15.04 20.06 3.87
C LEU B 199 16.21 19.10 4.14
N ALA B 200 16.87 19.33 5.27
CA ALA B 200 18.01 18.49 5.68
C ALA B 200 17.57 17.03 5.79
N ALA B 201 16.42 16.81 6.43
CA ALA B 201 15.90 15.45 6.60
C ALA B 201 15.63 14.76 5.27
N ILE B 202 14.91 15.45 4.36
CA ILE B 202 14.59 14.83 3.08
C ILE B 202 15.83 14.63 2.20
N ARG B 203 16.80 15.54 2.27
CA ARG B 203 18.04 15.36 1.50
C ARG B 203 18.74 14.10 1.98
N ARG B 204 18.83 13.96 3.29
CA ARG B 204 19.46 12.80 3.90
C ARG B 204 18.81 11.47 3.47
N VAL B 205 17.48 11.39 3.55
CA VAL B 205 16.75 10.16 3.23
C VAL B 205 17.03 9.72 1.78
N TYR B 206 17.01 10.67 0.86
CA TYR B 206 17.26 10.36 -0.55
C TYR B 206 18.72 9.99 -0.79
N GLY B 207 19.63 10.61 -0.05
CA GLY B 207 21.01 10.13 -0.02
C GLY B 207 21.09 8.67 0.45
N LEU B 208 20.44 8.38 1.57
CA LEU B 208 20.38 7.00 2.09
C LEU B 208 19.77 6.04 1.07
N LEU B 209 18.73 6.50 0.39
CA LEU B 209 18.03 5.68 -0.60
C LEU B 209 18.98 5.24 -1.70
N ALA B 210 19.72 6.19 -2.26
CA ALA B 210 20.70 5.90 -3.32
C ALA B 210 21.72 4.84 -2.86
N ASN B 211 22.24 5.04 -1.65
CA ASN B 211 23.18 4.13 -1.01
C ASN B 211 22.60 2.74 -0.75
N THR B 212 21.32 2.71 -0.39
CA THR B 212 20.63 1.47 -0.11
C THR B 212 20.56 0.60 -1.36
N VAL B 213 20.17 1.20 -2.48
CA VAL B 213 20.09 0.46 -3.74
C VAL B 213 21.48 -0.11 -4.10
N ARG B 214 22.53 0.70 -3.95
CA ARG B 214 23.89 0.24 -4.25
C ARG B 214 24.31 -0.89 -3.31
N TYR B 215 24.08 -0.70 -2.01
CA TYR B 215 24.30 -1.72 -1.01
C TYR B 215 23.67 -3.05 -1.41
N LEU B 216 22.38 -3.01 -1.77
CA LEU B 216 21.68 -4.26 -2.08
C LEU B 216 22.19 -4.89 -3.37
N GLN B 217 22.55 -4.05 -4.33
CA GLN B 217 23.01 -4.55 -5.62
C GLN B 217 24.42 -5.13 -5.50
N CYS B 218 25.19 -4.65 -4.53
CA CYS B 218 26.52 -5.19 -4.23
C CYS B 218 26.43 -6.48 -3.38
N GLY B 219 25.23 -7.06 -3.28
CA GLY B 219 25.01 -8.29 -2.50
C GLY B 219 24.87 -8.10 -1.00
N GLY B 220 24.53 -6.88 -0.58
CA GLY B 220 24.40 -6.55 0.82
C GLY B 220 23.22 -7.26 1.47
N SER B 221 23.46 -7.84 2.65
CA SER B 221 22.38 -8.48 3.39
C SER B 221 22.28 -7.81 4.74
N TRP B 222 21.18 -7.09 4.95
CA TRP B 222 21.05 -6.24 6.12
C TRP B 222 21.10 -7.05 7.41
N ARG B 223 20.66 -8.30 7.34
CA ARG B 223 20.65 -9.20 8.48
C ARG B 223 22.09 -9.58 8.85
N GLU B 224 22.94 -9.79 7.84
CA GLU B 224 24.37 -10.09 8.07
C GLU B 224 25.03 -8.93 8.80
N ASP B 225 24.73 -7.69 8.36
CA ASP B 225 25.47 -6.50 8.77
C ASP B 225 24.85 -5.70 9.91
N TRP B 226 23.73 -6.18 10.43
CA TRP B 226 22.93 -5.43 11.40
C TRP B 226 23.74 -4.97 12.60
N GLY B 227 24.61 -5.83 13.11
CA GLY B 227 25.46 -5.47 14.24
C GLY B 227 26.51 -4.39 13.95
N GLN B 228 26.70 -4.03 12.69
CA GLN B 228 27.65 -2.96 12.37
C GLN B 228 27.04 -1.56 12.54
N LEU B 229 25.77 -1.51 12.90
CA LEU B 229 25.08 -0.24 13.15
C LEU B 229 25.39 0.29 14.57
N SER B 230 25.83 1.54 14.63
CA SER B 230 26.30 2.13 15.88
C SER B 230 25.73 3.53 16.17
N GLY B 231 26.33 4.56 15.56
CA GLY B 231 26.04 5.95 15.87
C GLY B 231 24.63 6.43 15.59
N ALA B 245 27.52 3.16 -9.84
CA ALA B 245 28.84 3.72 -9.54
C ALA B 245 29.28 3.48 -8.08
N GLY B 246 30.60 3.45 -7.88
CA GLY B 246 31.17 3.47 -6.55
C GLY B 246 31.39 2.13 -5.85
N PRO B 247 32.02 2.22 -4.68
CA PRO B 247 32.29 1.03 -3.85
C PRO B 247 31.04 0.64 -3.03
N ARG B 248 31.06 -0.53 -2.42
CA ARG B 248 30.02 -0.92 -1.46
C ARG B 248 29.88 0.07 -0.29
N PRO B 249 28.68 0.61 -0.08
CA PRO B 249 28.42 1.43 1.11
C PRO B 249 28.25 0.58 2.38
N HIS B 250 28.62 1.20 3.49
CA HIS B 250 28.37 0.70 4.82
C HIS B 250 26.85 0.74 5.09
N ILE B 251 26.33 -0.28 5.76
CA ILE B 251 24.91 -0.32 6.14
C ILE B 251 24.47 0.96 6.89
N GLY B 252 25.37 1.54 7.69
CA GLY B 252 25.15 2.82 8.34
C GLY B 252 24.97 4.01 7.40
N ASP B 253 25.25 3.81 6.12
CA ASP B 253 24.99 4.84 5.13
C ASP B 253 23.75 4.53 4.32
N THR B 254 22.97 3.53 4.75
CA THR B 254 21.74 3.12 4.03
C THR B 254 20.50 3.37 4.87
N LEU B 255 19.32 3.10 4.30
CA LEU B 255 18.07 3.38 5.01
C LEU B 255 17.90 2.50 6.24
N PHE B 256 18.57 1.35 6.24
CA PHE B 256 18.47 0.37 7.34
C PHE B 256 18.86 1.00 8.67
N THR B 257 19.73 2.00 8.60
CA THR B 257 20.22 2.67 9.80
C THR B 257 19.14 3.42 10.57
N LEU B 258 18.01 3.71 9.91
CA LEU B 258 16.95 4.49 10.53
C LEU B 258 16.06 3.66 11.44
N PHE B 259 16.18 2.34 11.35
CA PHE B 259 15.21 1.46 11.99
C PHE B 259 15.80 0.65 13.14
N ARG B 260 16.93 1.13 13.65
CA ARG B 260 17.52 0.54 14.84
C ARG B 260 17.20 1.52 15.95
N ALA B 261 15.94 1.50 16.38
CA ALA B 261 15.38 2.47 17.29
C ALA B 261 14.61 1.74 18.39
N PRO B 262 14.73 2.19 19.64
CA PRO B 262 14.25 1.43 20.80
C PRO B 262 12.80 0.93 20.65
N GLU B 263 11.91 1.78 20.13
CA GLU B 263 10.52 1.42 19.83
C GLU B 263 10.33 0.13 19.01
N LEU B 264 11.31 -0.22 18.18
CA LEU B 264 11.21 -1.40 17.32
C LEU B 264 11.96 -2.61 17.87
N LEU B 265 12.77 -2.38 18.90
CA LEU B 265 13.63 -3.41 19.46
C LEU B 265 12.98 -4.21 20.58
N ALA B 266 12.99 -5.54 20.42
CA ALA B 266 12.49 -6.48 21.43
C ALA B 266 13.42 -6.54 22.65
N PRO B 267 12.92 -7.00 23.79
CA PRO B 267 13.73 -7.16 25.01
C PRO B 267 14.88 -8.16 24.86
N ASN B 268 15.84 -7.81 24.00
CA ASN B 268 17.06 -8.58 23.74
C ASN B 268 17.93 -7.87 22.69
N GLY B 269 17.49 -6.68 22.29
CA GLY B 269 18.15 -5.92 21.24
C GLY B 269 17.86 -6.38 19.82
N ASP B 270 17.05 -7.44 19.69
CA ASP B 270 16.62 -7.93 18.39
C ASP B 270 15.44 -7.09 17.89
N LEU B 271 15.35 -6.91 16.59
CA LEU B 271 14.16 -6.37 15.94
C LEU B 271 13.00 -7.37 16.10
N TYR B 272 11.84 -6.89 16.53
CA TYR B 272 10.62 -7.71 16.43
C TYR B 272 10.48 -8.21 15.00
N ASN B 273 9.99 -9.44 14.83
CA ASN B 273 9.91 -10.07 13.51
C ASN B 273 9.06 -9.33 12.48
N VAL B 274 7.96 -8.74 12.92
CA VAL B 274 7.13 -7.93 12.03
C VAL B 274 7.97 -6.80 11.40
N PHE B 275 8.85 -6.20 12.18
CA PHE B 275 9.70 -5.14 11.69
C PHE B 275 10.83 -5.63 10.80
N ALA B 276 11.44 -6.77 11.17
CA ALA B 276 12.50 -7.36 10.35
C ALA B 276 11.98 -7.77 8.98
N TRP B 277 10.75 -8.29 8.93
CA TRP B 277 10.12 -8.65 7.67
C TRP B 277 9.82 -7.43 6.79
N ALA B 278 9.44 -6.33 7.42
CA ALA B 278 9.26 -5.06 6.70
C ALA B 278 10.56 -4.64 6.00
N LEU B 279 11.68 -4.79 6.69
CA LEU B 279 13.00 -4.53 6.11
C LEU B 279 13.37 -5.51 5.00
N ASP B 280 12.93 -6.76 5.09
CA ASP B 280 13.11 -7.71 3.99
C ASP B 280 12.37 -7.24 2.75
N VAL B 281 11.16 -6.69 2.96
CA VAL B 281 10.34 -6.19 1.87
C VAL B 281 11.04 -4.99 1.23
N LEU B 282 11.52 -4.05 2.05
CA LEU B 282 12.30 -2.91 1.58
C LEU B 282 13.45 -3.34 0.64
N ALA B 283 14.22 -4.34 1.06
CA ALA B 283 15.29 -4.88 0.22
C ALA B 283 14.76 -5.44 -1.09
N LYS B 284 13.65 -6.19 -1.05
CA LYS B 284 13.08 -6.74 -2.27
C LYS B 284 12.52 -5.63 -3.18
N ARG B 285 12.04 -4.54 -2.59
CA ARG B 285 11.52 -3.43 -3.40
C ARG B 285 12.61 -2.54 -4.04
N LEU B 286 13.73 -2.33 -3.36
CA LEU B 286 14.75 -1.40 -3.83
C LEU B 286 15.81 -2.05 -4.73
N ARG B 287 16.08 -3.33 -4.51
CA ARG B 287 17.16 -4.01 -5.18
C ARG B 287 17.00 -4.01 -6.70
N SER B 288 15.77 -4.18 -7.18
CA SER B 288 15.55 -4.23 -8.62
C SER B 288 15.63 -2.86 -9.31
N MET B 289 15.74 -1.78 -8.53
CA MET B 289 15.72 -0.42 -9.11
C MET B 289 17.03 -0.04 -9.81
N HIS B 290 16.92 0.74 -10.88
CA HIS B 290 18.10 1.30 -11.54
C HIS B 290 18.18 2.79 -11.18
N VAL B 291 19.19 3.15 -10.40
CA VAL B 291 19.32 4.52 -9.93
C VAL B 291 20.30 5.32 -10.78
N PHE B 292 19.93 6.56 -11.04
CA PHE B 292 20.78 7.52 -11.78
C PHE B 292 20.75 8.85 -11.04
N ILE B 293 21.87 9.56 -11.03
CA ILE B 293 21.96 10.81 -10.29
C ILE B 293 22.05 11.95 -11.30
N LEU B 294 21.14 12.91 -11.18
CA LEU B 294 21.10 14.06 -12.08
C LEU B 294 21.54 15.28 -11.33
N ASP B 295 22.49 16.01 -11.91
CA ASP B 295 23.02 17.25 -11.34
C ASP B 295 22.11 18.41 -11.68
N TYR B 296 21.49 19.01 -10.67
CA TYR B 296 20.57 20.15 -10.84
C TYR B 296 21.28 21.52 -10.75
N ASP B 297 22.59 21.50 -10.52
CA ASP B 297 23.36 22.74 -10.40
C ASP B 297 23.72 23.30 -11.77
N GLN B 298 22.72 23.65 -12.55
CA GLN B 298 22.92 24.22 -13.89
C GLN B 298 21.61 24.80 -14.38
N SER B 299 21.65 25.35 -15.60
CA SER B 299 20.49 25.96 -16.23
C SER B 299 19.39 24.92 -16.45
N PRO B 300 18.14 25.36 -16.51
CA PRO B 300 17.02 24.48 -16.88
C PRO B 300 17.26 23.67 -18.15
N ALA B 301 17.79 24.32 -19.18
CA ALA B 301 18.13 23.59 -20.41
C ALA B 301 19.29 22.62 -20.20
N GLY B 302 20.26 23.00 -19.37
CA GLY B 302 21.35 22.10 -19.01
C GLY B 302 20.82 20.85 -18.31
N CYS B 303 19.92 21.04 -17.34
CA CYS B 303 19.31 19.93 -16.60
C CYS B 303 18.58 18.97 -17.56
N ARG B 304 17.82 19.55 -18.50
CA ARG B 304 17.13 18.81 -19.55
C ARG B 304 18.08 17.94 -20.39
N ASP B 305 19.11 18.57 -20.97
CA ASP B 305 20.04 17.82 -21.83
C ASP B 305 20.85 16.78 -21.04
N ALA B 306 21.19 17.10 -19.80
CA ALA B 306 21.83 16.13 -18.90
C ALA B 306 20.93 14.92 -18.66
N LEU B 307 19.64 15.18 -18.43
CA LEU B 307 18.63 14.13 -18.28
C LEU B 307 18.49 13.32 -19.56
N LEU B 308 18.38 14.02 -20.69
CA LEU B 308 18.34 13.37 -22.02
C LEU B 308 19.45 12.36 -22.22
N GLN B 309 20.69 12.75 -21.92
CA GLN B 309 21.84 11.85 -22.02
C GLN B 309 21.71 10.62 -21.10
N LEU B 310 21.26 10.81 -19.86
CA LEU B 310 21.07 9.71 -18.91
C LEU B 310 20.05 8.67 -19.40
N THR B 311 19.01 9.11 -20.13
CA THR B 311 17.91 8.24 -20.59
C THR B 311 18.32 7.25 -21.67
N SER B 312 19.15 7.71 -22.61
CA SER B 312 19.59 6.86 -23.73
C SER B 312 20.09 5.48 -23.29
N GLY B 313 20.85 5.43 -22.20
CA GLY B 313 21.34 4.18 -21.67
C GLY B 313 20.38 3.32 -20.84
N MET B 314 19.23 3.88 -20.44
CA MET B 314 18.33 3.25 -19.44
C MET B 314 17.58 1.99 -19.91
N VAL B 315 17.23 1.13 -18.96
CA VAL B 315 16.53 -0.13 -19.27
C VAL B 315 15.07 0.03 -19.73
N GLN B 316 14.76 -0.52 -20.92
CA GLN B 316 13.41 -0.56 -21.47
C GLN B 316 12.72 -1.88 -21.14
N THR B 317 11.40 -1.93 -21.30
CA THR B 317 10.68 -3.21 -21.21
C THR B 317 9.76 -3.42 -22.41
N HIS B 318 9.46 -4.69 -22.67
CA HIS B 318 8.35 -5.00 -23.56
C HIS B 318 7.06 -4.77 -22.78
N VAL B 319 5.97 -4.54 -23.51
CA VAL B 319 4.66 -4.49 -22.90
C VAL B 319 3.99 -5.85 -23.13
N THR B 320 2.89 -6.11 -22.44
CA THR B 320 2.29 -7.45 -22.45
C THR B 320 1.22 -7.67 -23.53
N THR B 321 0.58 -6.60 -23.99
CA THR B 321 -0.43 -6.70 -25.06
C THR B 321 -0.10 -5.69 -26.16
N PRO B 322 -0.65 -5.86 -27.36
CA PRO B 322 -0.39 -4.91 -28.45
C PRO B 322 -1.10 -3.56 -28.22
N GLY B 323 -2.32 -3.59 -27.69
CA GLY B 323 -3.01 -2.38 -27.27
C GLY B 323 -2.49 -1.75 -25.99
N SER B 324 -1.38 -2.27 -25.45
CA SER B 324 -0.80 -1.77 -24.18
C SER B 324 -0.33 -0.33 -24.30
N ILE B 325 0.37 -0.01 -25.40
CA ILE B 325 0.90 1.33 -25.62
C ILE B 325 -0.19 2.44 -25.64
N PRO B 326 -1.21 2.35 -26.50
CA PRO B 326 -2.30 3.35 -26.48
C PRO B 326 -2.97 3.47 -25.11
N THR B 327 -3.22 2.34 -24.45
CA THR B 327 -3.82 2.34 -23.12
C THR B 327 -2.97 3.12 -22.12
N ILE B 328 -1.65 2.87 -22.15
CA ILE B 328 -0.72 3.52 -21.23
C ILE B 328 -0.71 5.00 -21.53
N CYS B 329 -0.73 5.32 -22.82
CA CYS B 329 -0.72 6.70 -23.25
C CYS B 329 -1.98 7.43 -22.78
N ASP B 330 -3.13 6.76 -22.92
CA ASP B 330 -4.42 7.30 -22.48
C ASP B 330 -4.44 7.52 -20.95
N LEU B 331 -3.94 6.53 -20.21
CA LEU B 331 -3.79 6.63 -18.76
C LEU B 331 -2.99 7.87 -18.34
N ALA B 332 -1.79 8.01 -18.89
CA ALA B 332 -0.91 9.12 -18.56
C ALA B 332 -1.53 10.50 -18.86
N ARG B 333 -2.15 10.63 -20.03
CA ARG B 333 -2.76 11.89 -20.43
C ARG B 333 -4.00 12.21 -19.60
N THR B 334 -4.80 11.20 -19.31
CA THR B 334 -5.95 11.37 -18.43
C THR B 334 -5.54 11.79 -17.02
N PHE B 335 -4.52 11.12 -16.48
CA PHE B 335 -3.94 11.46 -15.20
C PHE B 335 -3.50 12.92 -15.19
N ALA B 336 -2.72 13.31 -16.19
CA ALA B 336 -2.21 14.69 -16.30
C ALA B 336 -3.33 15.72 -16.32
N ARG B 337 -4.32 15.49 -17.17
CA ARG B 337 -5.44 16.43 -17.29
C ARG B 337 -6.19 16.61 -15.97
N GLU B 338 -6.45 15.49 -15.29
CA GLU B 338 -7.30 15.49 -14.11
C GLU B 338 -6.57 15.95 -12.86
N MET B 339 -5.32 15.54 -12.70
CA MET B 339 -4.66 15.78 -11.43
C MET B 339 -3.46 16.73 -11.45
N GLY B 340 -2.96 17.02 -12.64
CA GLY B 340 -1.92 18.01 -12.83
C GLY B 340 -2.41 19.40 -12.45
N GLU B 341 -1.49 20.20 -11.90
CA GLU B 341 -1.77 21.58 -11.51
C GLU B 341 -2.65 22.31 -12.52
N ALA B 342 -3.75 22.86 -12.01
CA ALA B 342 -4.61 23.80 -12.73
C ALA B 342 -4.48 25.17 -12.07
N ASN B 343 -4.70 26.22 -12.86
CA ASN B 343 -4.82 27.61 -12.37
C ASN B 343 -3.68 28.16 -11.50
N1B T5A C . -10.39 -4.44 13.84
C6B T5A C . -9.75 -5.49 13.29
C2B T5A C . -10.38 -3.17 13.24
O2B T5A C . -10.97 -2.21 13.79
N3B T5A C . -9.75 -2.98 12.07
C4B T5A C . -9.11 -4.00 11.45
O4B T5A C . -8.51 -3.78 10.28
C5B T5A C . -9.11 -5.33 12.08
C7B T5A C . -8.40 -6.50 11.42
C5E T5A C . -9.68 -7.20 16.94
C4E T5A C . -10.52 -5.92 17.01
O4E T5A C . -10.02 -4.97 16.07
C1E T5A C . -11.05 -4.57 15.15
C2E T5A C . -12.15 -5.59 15.23
C3E T5A C . -11.98 -6.14 16.63
O3E T5A C . -12.80 -5.38 17.48
PA T5A C . -9.52 -9.44 15.45
O1A T5A C . -8.03 -9.36 15.46
O2A T5A C . -10.28 -9.89 14.24
O5E T5A C . -9.98 -7.91 15.73
O3A T5A C . -9.99 -10.43 16.65
PB T5A C . -11.25 -10.29 17.69
O1B T5A C . -12.22 -9.30 17.16
O2X T5A C . -10.73 -10.21 19.11
O3B T5A C . -12.11 -11.65 17.71
PC T5A C . -12.03 -12.69 16.51
O1C T5A C . -10.57 -12.91 16.21
O2C T5A C . -13.05 -12.31 15.49
O3C T5A C . -12.54 -14.05 17.15
PD T5A C . -13.90 -14.22 17.96
O1D T5A C . -14.92 -14.91 17.12
O2D T5A C . -14.26 -12.95 18.66
O3D T5A C . -13.20 -15.22 19.01
PE T5A C . -13.83 -16.27 20.03
O1E T5A C . -13.23 -15.89 21.36
O2E T5A C . -13.52 -17.64 19.47
O5F T5A C . -15.44 -16.05 20.06
C5F T5A C . -16.04 -15.11 20.97
C4F T5A C . -16.91 -15.81 22.05
O4F T5A C . -17.80 -16.78 21.48
C1F T5A C . -17.54 -18.08 22.01
C2F T5A C . -16.19 -18.01 22.71
O2F T5A C . -16.21 -18.83 23.88
C3F T5A C . -16.08 -16.56 23.09
O3F T5A C . -16.74 -16.38 24.35
N9A T5A C . -17.55 -19.01 20.87
C4A T5A C . -18.66 -19.67 20.61
N3A T5A C . -19.83 -19.60 21.29
C2A T5A C . -20.87 -20.33 20.88
N1A T5A C . -20.74 -21.13 19.81
C6A T5A C . -19.57 -21.21 19.13
N6A T5A C . -19.46 -22.02 18.06
C5A T5A C . -18.49 -20.45 19.54
N7A T5A C . -17.19 -20.31 19.07
C8A T5A C . -16.63 -19.39 19.93
S SO4 D . 10.83 20.39 -7.57
O1 SO4 D . 11.27 21.73 -7.87
O2 SO4 D . 9.97 19.96 -8.66
O3 SO4 D . 12.03 19.53 -7.47
O4 SO4 D . 10.14 20.32 -6.30
O5' THM E . 5.13 19.29 -4.29
C5' THM E . 5.74 18.58 -3.23
C4' THM E . 5.46 19.28 -1.88
O4' THM E . 4.77 18.31 -1.12
C3' THM E . 6.83 19.41 -1.27
O3' THM E . 6.68 20.51 -0.40
C2' THM E . 7.01 18.34 -0.24
C1' THM E . 5.63 17.72 -0.13
N1 THM E . 5.47 16.26 -0.17
C2 THM E . 5.20 15.62 1.05
O2 THM E . 5.16 16.29 2.10
N3 THM E . 4.99 14.28 1.09
C4 THM E . 5.04 13.54 0.00
O4 THM E . 4.84 12.31 0.06
C5 THM E . 5.32 14.20 -1.30
C5M THM E . 5.36 13.40 -2.57
C6 THM E . 5.52 15.57 -1.31
#